data_2GF1
# 
_entry.id   2GF1 
# 
_audit_conform.dict_name       mmcif_pdbx.dic 
_audit_conform.dict_version    5.397 
_audit_conform.dict_location   http://mmcif.pdb.org/dictionaries/ascii/mmcif_pdbx.dic 
# 
loop_
_database_2.database_id 
_database_2.database_code 
_database_2.pdbx_database_accession 
_database_2.pdbx_DOI 
PDB   2GF1         pdb_00002gf1 10.2210/pdb2gf1/pdb 
WWPDB D_1000178135 ?            ?                   
# 
loop_
_pdbx_audit_revision_history.ordinal 
_pdbx_audit_revision_history.data_content_type 
_pdbx_audit_revision_history.major_revision 
_pdbx_audit_revision_history.minor_revision 
_pdbx_audit_revision_history.revision_date 
1 'Structure model' 1 0 1993-04-15 
2 'Structure model' 1 1 2008-03-24 
3 'Structure model' 1 2 2011-07-13 
4 'Structure model' 1 3 2022-03-09 
5 'Structure model' 1 4 2024-10-16 
# 
_pdbx_audit_revision_details.ordinal             1 
_pdbx_audit_revision_details.revision_ordinal    1 
_pdbx_audit_revision_details.data_content_type   'Structure model' 
_pdbx_audit_revision_details.provider            repository 
_pdbx_audit_revision_details.type                'Initial release' 
_pdbx_audit_revision_details.description         ? 
_pdbx_audit_revision_details.details             ? 
# 
loop_
_pdbx_audit_revision_group.ordinal 
_pdbx_audit_revision_group.revision_ordinal 
_pdbx_audit_revision_group.data_content_type 
_pdbx_audit_revision_group.group 
1 2 'Structure model' 'Version format compliance' 
2 3 'Structure model' 'Version format compliance' 
3 4 'Structure model' 'Database references'       
4 4 'Structure model' 'Derived calculations'      
5 4 'Structure model' Other                       
6 5 'Structure model' 'Data collection'           
7 5 'Structure model' 'Structure summary'         
# 
loop_
_pdbx_audit_revision_category.ordinal 
_pdbx_audit_revision_category.revision_ordinal 
_pdbx_audit_revision_category.data_content_type 
_pdbx_audit_revision_category.category 
1 4 'Structure model' database_2                
2 4 'Structure model' pdbx_database_status      
3 4 'Structure model' pdbx_struct_assembly      
4 4 'Structure model' pdbx_struct_oper_list     
5 5 'Structure model' chem_comp_atom            
6 5 'Structure model' chem_comp_bond            
7 5 'Structure model' pdbx_entry_details        
8 5 'Structure model' pdbx_modification_feature 
# 
loop_
_pdbx_audit_revision_item.ordinal 
_pdbx_audit_revision_item.revision_ordinal 
_pdbx_audit_revision_item.data_content_type 
_pdbx_audit_revision_item.item 
1 4 'Structure model' '_database_2.pdbx_DOI'                
2 4 'Structure model' '_database_2.pdbx_database_accession' 
3 4 'Structure model' '_pdbx_database_status.process_site'  
# 
_pdbx_database_status.status_code                     REL 
_pdbx_database_status.entry_id                        2GF1 
_pdbx_database_status.recvd_initial_deposition_date   1991-01-23 
_pdbx_database_status.deposit_site                    ? 
_pdbx_database_status.process_site                    BNL 
_pdbx_database_status.SG_entry                        . 
_pdbx_database_status.pdb_format_compatible           Y 
_pdbx_database_status.status_code_mr                  ? 
_pdbx_database_status.status_code_sf                  ? 
_pdbx_database_status.status_code_cs                  ? 
_pdbx_database_status.status_code_nmr_data            ? 
_pdbx_database_status.methods_development_category    ? 
# 
_pdbx_database_related.db_name        PDB 
_pdbx_database_related.db_id          3GF1 
_pdbx_database_related.details        . 
_pdbx_database_related.content_type   ensemble 
# 
loop_
_audit_author.name 
_audit_author.pdbx_ordinal 
'Cooke, R.M.'    1 
'Harvey, T.S.'   2 
'Campbell, I.D.' 3 
# 
_citation.id                        primary 
_citation.title                     
'Solution structure of human insulin-like growth factor 1: a nuclear magnetic resonance and restrained molecular dynamics study.' 
_citation.journal_abbrev            Biochemistry 
_citation.journal_volume            30 
_citation.page_first                5484 
_citation.page_last                 5491 
_citation.year                      1991 
_citation.journal_id_ASTM           BICHAW 
_citation.country                   US 
_citation.journal_id_ISSN           0006-2960 
_citation.journal_id_CSD            0033 
_citation.book_publisher            ? 
_citation.pdbx_database_id_PubMed   2036417 
_citation.pdbx_database_id_DOI      10.1021/bi00236a022 
# 
loop_
_citation_author.citation_id 
_citation_author.name 
_citation_author.ordinal 
_citation_author.identifier_ORCID 
primary 'Cooke, R.M.'    1 ? 
primary 'Harvey, T.S.'   2 ? 
primary 'Campbell, I.D.' 3 ? 
# 
_entity.id                         1 
_entity.type                       polymer 
_entity.src_method                 man 
_entity.pdbx_description           'INSULIN-LIKE GROWTH FACTOR I' 
_entity.formula_weight             7663.752 
_entity.pdbx_number_of_molecules   1 
_entity.pdbx_ec                    ? 
_entity.pdbx_mutation              ? 
_entity.pdbx_fragment              ? 
_entity.details                    ? 
# 
_entity_poly.entity_id                      1 
_entity_poly.type                           'polypeptide(L)' 
_entity_poly.nstd_linkage                   no 
_entity_poly.nstd_monomer                   no 
_entity_poly.pdbx_seq_one_letter_code       GPETLCGAELVDALQFVCGDRGFYFNKPTGYGSSSRRAPQTGIVDECCFRSCDLRRLEMYCAPLKPAKSA 
_entity_poly.pdbx_seq_one_letter_code_can   GPETLCGAELVDALQFVCGDRGFYFNKPTGYGSSSRRAPQTGIVDECCFRSCDLRRLEMYCAPLKPAKSA 
_entity_poly.pdbx_strand_id                 A 
_entity_poly.pdbx_target_identifier         ? 
# 
loop_
_entity_poly_seq.entity_id 
_entity_poly_seq.num 
_entity_poly_seq.mon_id 
_entity_poly_seq.hetero 
1 1  GLY n 
1 2  PRO n 
1 3  GLU n 
1 4  THR n 
1 5  LEU n 
1 6  CYS n 
1 7  GLY n 
1 8  ALA n 
1 9  GLU n 
1 10 LEU n 
1 11 VAL n 
1 12 ASP n 
1 13 ALA n 
1 14 LEU n 
1 15 GLN n 
1 16 PHE n 
1 17 VAL n 
1 18 CYS n 
1 19 GLY n 
1 20 ASP n 
1 21 ARG n 
1 22 GLY n 
1 23 PHE n 
1 24 TYR n 
1 25 PHE n 
1 26 ASN n 
1 27 LYS n 
1 28 PRO n 
1 29 THR n 
1 30 GLY n 
1 31 TYR n 
1 32 GLY n 
1 33 SER n 
1 34 SER n 
1 35 SER n 
1 36 ARG n 
1 37 ARG n 
1 38 ALA n 
1 39 PRO n 
1 40 GLN n 
1 41 THR n 
1 42 GLY n 
1 43 ILE n 
1 44 VAL n 
1 45 ASP n 
1 46 GLU n 
1 47 CYS n 
1 48 CYS n 
1 49 PHE n 
1 50 ARG n 
1 51 SER n 
1 52 CYS n 
1 53 ASP n 
1 54 LEU n 
1 55 ARG n 
1 56 ARG n 
1 57 LEU n 
1 58 GLU n 
1 59 MET n 
1 60 TYR n 
1 61 CYS n 
1 62 ALA n 
1 63 PRO n 
1 64 LEU n 
1 65 LYS n 
1 66 PRO n 
1 67 ALA n 
1 68 LYS n 
1 69 SER n 
1 70 ALA n 
# 
_entity_src_gen.entity_id                          1 
_entity_src_gen.pdbx_src_id                        1 
_entity_src_gen.pdbx_alt_source_flag               sample 
_entity_src_gen.pdbx_seq_type                      ? 
_entity_src_gen.pdbx_beg_seq_num                   ? 
_entity_src_gen.pdbx_end_seq_num                   ? 
_entity_src_gen.gene_src_common_name               human 
_entity_src_gen.gene_src_genus                     Homo 
_entity_src_gen.pdbx_gene_src_gene                 ? 
_entity_src_gen.gene_src_species                   ? 
_entity_src_gen.gene_src_strain                    ? 
_entity_src_gen.gene_src_tissue                    ? 
_entity_src_gen.gene_src_tissue_fraction           ? 
_entity_src_gen.gene_src_details                   ? 
_entity_src_gen.pdbx_gene_src_fragment             ? 
_entity_src_gen.pdbx_gene_src_scientific_name      'Homo sapiens' 
_entity_src_gen.pdbx_gene_src_ncbi_taxonomy_id     9606 
_entity_src_gen.pdbx_gene_src_variant              ? 
_entity_src_gen.pdbx_gene_src_cell_line            ? 
_entity_src_gen.pdbx_gene_src_atcc                 ? 
_entity_src_gen.pdbx_gene_src_organ                ? 
_entity_src_gen.pdbx_gene_src_organelle            ? 
_entity_src_gen.pdbx_gene_src_cell                 ? 
_entity_src_gen.pdbx_gene_src_cellular_location    ? 
_entity_src_gen.host_org_common_name               ? 
_entity_src_gen.pdbx_host_org_scientific_name      ? 
_entity_src_gen.pdbx_host_org_ncbi_taxonomy_id     ? 
_entity_src_gen.host_org_genus                     ? 
_entity_src_gen.pdbx_host_org_gene                 ? 
_entity_src_gen.pdbx_host_org_organ                ? 
_entity_src_gen.host_org_species                   ? 
_entity_src_gen.pdbx_host_org_tissue               ? 
_entity_src_gen.pdbx_host_org_tissue_fraction      ? 
_entity_src_gen.pdbx_host_org_strain               ? 
_entity_src_gen.pdbx_host_org_variant              ? 
_entity_src_gen.pdbx_host_org_cell_line            ? 
_entity_src_gen.pdbx_host_org_atcc                 ? 
_entity_src_gen.pdbx_host_org_culture_collection   ? 
_entity_src_gen.pdbx_host_org_cell                 ? 
_entity_src_gen.pdbx_host_org_organelle            ? 
_entity_src_gen.pdbx_host_org_cellular_location    ? 
_entity_src_gen.pdbx_host_org_vector_type          ? 
_entity_src_gen.pdbx_host_org_vector               ? 
_entity_src_gen.host_org_details                   ? 
_entity_src_gen.expression_system_id               ? 
_entity_src_gen.plasmid_name                       ? 
_entity_src_gen.plasmid_details                    ? 
_entity_src_gen.pdbx_description                   ? 
# 
loop_
_chem_comp.id 
_chem_comp.type 
_chem_comp.mon_nstd_flag 
_chem_comp.name 
_chem_comp.pdbx_synonyms 
_chem_comp.formula 
_chem_comp.formula_weight 
ALA 'L-peptide linking' y ALANINE         ? 'C3 H7 N O2'     89.093  
ARG 'L-peptide linking' y ARGININE        ? 'C6 H15 N4 O2 1' 175.209 
ASN 'L-peptide linking' y ASPARAGINE      ? 'C4 H8 N2 O3'    132.118 
ASP 'L-peptide linking' y 'ASPARTIC ACID' ? 'C4 H7 N O4'     133.103 
CYS 'L-peptide linking' y CYSTEINE        ? 'C3 H7 N O2 S'   121.158 
GLN 'L-peptide linking' y GLUTAMINE       ? 'C5 H10 N2 O3'   146.144 
GLU 'L-peptide linking' y 'GLUTAMIC ACID' ? 'C5 H9 N O4'     147.129 
GLY 'peptide linking'   y GLYCINE         ? 'C2 H5 N O2'     75.067  
ILE 'L-peptide linking' y ISOLEUCINE      ? 'C6 H13 N O2'    131.173 
LEU 'L-peptide linking' y LEUCINE         ? 'C6 H13 N O2'    131.173 
LYS 'L-peptide linking' y LYSINE          ? 'C6 H15 N2 O2 1' 147.195 
MET 'L-peptide linking' y METHIONINE      ? 'C5 H11 N O2 S'  149.211 
PHE 'L-peptide linking' y PHENYLALANINE   ? 'C9 H11 N O2'    165.189 
PRO 'L-peptide linking' y PROLINE         ? 'C5 H9 N O2'     115.130 
SER 'L-peptide linking' y SERINE          ? 'C3 H7 N O3'     105.093 
THR 'L-peptide linking' y THREONINE       ? 'C4 H9 N O3'     119.119 
TYR 'L-peptide linking' y TYROSINE        ? 'C9 H11 N O3'    181.189 
VAL 'L-peptide linking' y VALINE          ? 'C5 H11 N O2'    117.146 
# 
loop_
_pdbx_poly_seq_scheme.asym_id 
_pdbx_poly_seq_scheme.entity_id 
_pdbx_poly_seq_scheme.seq_id 
_pdbx_poly_seq_scheme.mon_id 
_pdbx_poly_seq_scheme.ndb_seq_num 
_pdbx_poly_seq_scheme.pdb_seq_num 
_pdbx_poly_seq_scheme.auth_seq_num 
_pdbx_poly_seq_scheme.pdb_mon_id 
_pdbx_poly_seq_scheme.auth_mon_id 
_pdbx_poly_seq_scheme.pdb_strand_id 
_pdbx_poly_seq_scheme.pdb_ins_code 
_pdbx_poly_seq_scheme.hetero 
A 1 1  GLY 1  1  1  GLY GLY A . n 
A 1 2  PRO 2  2  2  PRO PRO A . n 
A 1 3  GLU 3  3  3  GLU GLU A . n 
A 1 4  THR 4  4  4  THR THR A . n 
A 1 5  LEU 5  5  5  LEU LEU A . n 
A 1 6  CYS 6  6  6  CYS CYS A . n 
A 1 7  GLY 7  7  7  GLY GLY A . n 
A 1 8  ALA 8  8  8  ALA ALA A . n 
A 1 9  GLU 9  9  9  GLU GLU A . n 
A 1 10 LEU 10 10 10 LEU LEU A . n 
A 1 11 VAL 11 11 11 VAL VAL A . n 
A 1 12 ASP 12 12 12 ASP ASP A . n 
A 1 13 ALA 13 13 13 ALA ALA A . n 
A 1 14 LEU 14 14 14 LEU LEU A . n 
A 1 15 GLN 15 15 15 GLN GLN A . n 
A 1 16 PHE 16 16 16 PHE PHE A . n 
A 1 17 VAL 17 17 17 VAL VAL A . n 
A 1 18 CYS 18 18 18 CYS CYS A . n 
A 1 19 GLY 19 19 19 GLY GLY A . n 
A 1 20 ASP 20 20 20 ASP ASP A . n 
A 1 21 ARG 21 21 21 ARG ARG A . n 
A 1 22 GLY 22 22 22 GLY GLY A . n 
A 1 23 PHE 23 23 23 PHE PHE A . n 
A 1 24 TYR 24 24 24 TYR TYR A . n 
A 1 25 PHE 25 25 25 PHE PHE A . n 
A 1 26 ASN 26 26 26 ASN ASN A . n 
A 1 27 LYS 27 27 27 LYS LYS A . n 
A 1 28 PRO 28 28 28 PRO PRO A . n 
A 1 29 THR 29 29 29 THR THR A . n 
A 1 30 GLY 30 30 30 GLY GLY A . n 
A 1 31 TYR 31 31 31 TYR TYR A . n 
A 1 32 GLY 32 32 32 GLY GLY A . n 
A 1 33 SER 33 33 33 SER SER A . n 
A 1 34 SER 34 34 34 SER SER A . n 
A 1 35 SER 35 35 35 SER SER A . n 
A 1 36 ARG 36 36 36 ARG ARG A . n 
A 1 37 ARG 37 37 37 ARG ARG A . n 
A 1 38 ALA 38 38 38 ALA ALA A . n 
A 1 39 PRO 39 39 39 PRO PRO A . n 
A 1 40 GLN 40 40 40 GLN GLN A . n 
A 1 41 THR 41 41 41 THR THR A . n 
A 1 42 GLY 42 42 42 GLY GLY A . n 
A 1 43 ILE 43 43 43 ILE ILE A . n 
A 1 44 VAL 44 44 44 VAL VAL A . n 
A 1 45 ASP 45 45 45 ASP ASP A . n 
A 1 46 GLU 46 46 46 GLU GLU A . n 
A 1 47 CYS 47 47 47 CYS CYS A . n 
A 1 48 CYS 48 48 48 CYS CYS A . n 
A 1 49 PHE 49 49 49 PHE PHE A . n 
A 1 50 ARG 50 50 50 ARG ARG A . n 
A 1 51 SER 51 51 51 SER SER A . n 
A 1 52 CYS 52 52 52 CYS CYS A . n 
A 1 53 ASP 53 53 53 ASP ASP A . n 
A 1 54 LEU 54 54 54 LEU LEU A . n 
A 1 55 ARG 55 55 55 ARG ARG A . n 
A 1 56 ARG 56 56 56 ARG ARG A . n 
A 1 57 LEU 57 57 57 LEU LEU A . n 
A 1 58 GLU 58 58 58 GLU GLU A . n 
A 1 59 MET 59 59 59 MET MET A . n 
A 1 60 TYR 60 60 60 TYR TYR A . n 
A 1 61 CYS 61 61 61 CYS CYS A . n 
A 1 62 ALA 62 62 62 ALA ALA A . n 
A 1 63 PRO 63 63 63 PRO PRO A . n 
A 1 64 LEU 64 64 64 LEU LEU A . n 
A 1 65 LYS 65 65 65 LYS LYS A . n 
A 1 66 PRO 66 66 66 PRO PRO A . n 
A 1 67 ALA 67 67 67 ALA ALA A . n 
A 1 68 LYS 68 68 68 LYS LYS A . n 
A 1 69 SER 69 69 69 SER SER A . n 
A 1 70 ALA 70 70 70 ALA ALA A . n 
# 
_cell.entry_id           2GF1 
_cell.length_a           1.000 
_cell.length_b           1.000 
_cell.length_c           1.000 
_cell.angle_alpha        90.00 
_cell.angle_beta         90.00 
_cell.angle_gamma        90.00 
_cell.Z_PDB              1 
_cell.pdbx_unique_axis   ? 
# 
_symmetry.entry_id                         2GF1 
_symmetry.space_group_name_H-M             'P 1' 
_symmetry.pdbx_full_space_group_name_H-M   ? 
_symmetry.cell_setting                     ? 
_symmetry.Int_Tables_number                1 
# 
_exptl.entry_id          2GF1 
_exptl.method            'SOLUTION NMR' 
_exptl.crystals_number   ? 
# 
_struct.entry_id                  2GF1 
_struct.title                     
'SOLUTION STRUCTURE OF HUMAN INSULIN-LIKE GROWTH FACTOR 1: A NUCLEAR MAGNETIC RESONANCE AND RESTRAINED MOLECULAR DYNAMICS STUDY' 
_struct.pdbx_model_details        ? 
_struct.pdbx_CASP_flag            ? 
_struct.pdbx_model_type_details   ? 
# 
_struct_keywords.entry_id        2GF1 
_struct_keywords.pdbx_keywords   'GROWTH FACTOR' 
_struct_keywords.text            'GROWTH FACTOR' 
# 
_struct_asym.id                            A 
_struct_asym.pdbx_blank_PDB_chainid_flag   Y 
_struct_asym.pdbx_modified                 N 
_struct_asym.entity_id                     1 
_struct_asym.details                       ? 
# 
_struct_ref.id                         1 
_struct_ref.db_name                    UNP 
_struct_ref.db_code                    IGF1A_HUMAN 
_struct_ref.entity_id                  1 
_struct_ref.pdbx_db_accession          P01343 
_struct_ref.pdbx_align_begin           1 
_struct_ref.pdbx_seq_one_letter_code   
;MGKISSLPTQLFKCCFCDFLKVKMHTMSSSHLFYLALCLLTFTSSATAGPETLCGAELVDALQFVCGDRGFYFNKPTGYG
SSSRRAPQTGIVDECCFRSCDLRRLEMYCAPLKPAKSARSVRAQRHTDMPKTQKEVHLKNASRGSAGNKNYRM
;
_struct_ref.pdbx_db_isoform            ? 
# 
_struct_ref_seq.align_id                      1 
_struct_ref_seq.ref_id                        1 
_struct_ref_seq.pdbx_PDB_id_code              2GF1 
_struct_ref_seq.pdbx_strand_id                A 
_struct_ref_seq.seq_align_beg                 1 
_struct_ref_seq.pdbx_seq_align_beg_ins_code   ? 
_struct_ref_seq.seq_align_end                 70 
_struct_ref_seq.pdbx_seq_align_end_ins_code   ? 
_struct_ref_seq.pdbx_db_accession             P01343 
_struct_ref_seq.db_align_beg                  49 
_struct_ref_seq.pdbx_db_align_beg_ins_code    ? 
_struct_ref_seq.db_align_end                  118 
_struct_ref_seq.pdbx_db_align_end_ins_code    ? 
_struct_ref_seq.pdbx_auth_seq_align_beg       1 
_struct_ref_seq.pdbx_auth_seq_align_end       70 
# 
_pdbx_struct_assembly.id                   1 
_pdbx_struct_assembly.details              author_defined_assembly 
_pdbx_struct_assembly.method_details       ? 
_pdbx_struct_assembly.oligomeric_details   monomeric 
_pdbx_struct_assembly.oligomeric_count     1 
# 
_pdbx_struct_assembly_gen.assembly_id       1 
_pdbx_struct_assembly_gen.oper_expression   1 
_pdbx_struct_assembly_gen.asym_id_list      A 
# 
_pdbx_struct_oper_list.id                   1 
_pdbx_struct_oper_list.type                 'identity operation' 
_pdbx_struct_oper_list.name                 1_555 
_pdbx_struct_oper_list.symmetry_operation   x,y,z 
_pdbx_struct_oper_list.matrix[1][1]         1.0000000000 
_pdbx_struct_oper_list.matrix[1][2]         0.0000000000 
_pdbx_struct_oper_list.matrix[1][3]         0.0000000000 
_pdbx_struct_oper_list.vector[1]            0.0000000000 
_pdbx_struct_oper_list.matrix[2][1]         0.0000000000 
_pdbx_struct_oper_list.matrix[2][2]         1.0000000000 
_pdbx_struct_oper_list.matrix[2][3]         0.0000000000 
_pdbx_struct_oper_list.vector[2]            0.0000000000 
_pdbx_struct_oper_list.matrix[3][1]         0.0000000000 
_pdbx_struct_oper_list.matrix[3][2]         0.0000000000 
_pdbx_struct_oper_list.matrix[3][3]         1.0000000000 
_pdbx_struct_oper_list.vector[3]            0.0000000000 
# 
_struct_biol.id   1 
# 
loop_
_struct_conf.conf_type_id 
_struct_conf.id 
_struct_conf.pdbx_PDB_helix_id 
_struct_conf.beg_label_comp_id 
_struct_conf.beg_label_asym_id 
_struct_conf.beg_label_seq_id 
_struct_conf.pdbx_beg_PDB_ins_code 
_struct_conf.end_label_comp_id 
_struct_conf.end_label_asym_id 
_struct_conf.end_label_seq_id 
_struct_conf.pdbx_end_PDB_ins_code 
_struct_conf.beg_auth_comp_id 
_struct_conf.beg_auth_asym_id 
_struct_conf.beg_auth_seq_id 
_struct_conf.end_auth_comp_id 
_struct_conf.end_auth_asym_id 
_struct_conf.end_auth_seq_id 
_struct_conf.pdbx_PDB_helix_class 
_struct_conf.details 
_struct_conf.pdbx_PDB_helix_length 
HELX_P HELX_P1 1H ALA A 8  ? VAL A 17 ? ALA A 8  VAL A 17 1 ? 10 
HELX_P HELX_P2 2H VAL A 44 ? PHE A 49 ? VAL A 44 PHE A 49 1 ? 6  
HELX_P HELX_P3 3H LEU A 54 ? MET A 59 ? LEU A 54 MET A 59 1 ? 6  
# 
_struct_conf_type.id          HELX_P 
_struct_conf_type.criteria    ? 
_struct_conf_type.reference   ? 
# 
loop_
_struct_conn.id 
_struct_conn.conn_type_id 
_struct_conn.pdbx_leaving_atom_flag 
_struct_conn.pdbx_PDB_id 
_struct_conn.ptnr1_label_asym_id 
_struct_conn.ptnr1_label_comp_id 
_struct_conn.ptnr1_label_seq_id 
_struct_conn.ptnr1_label_atom_id 
_struct_conn.pdbx_ptnr1_label_alt_id 
_struct_conn.pdbx_ptnr1_PDB_ins_code 
_struct_conn.pdbx_ptnr1_standard_comp_id 
_struct_conn.ptnr1_symmetry 
_struct_conn.ptnr2_label_asym_id 
_struct_conn.ptnr2_label_comp_id 
_struct_conn.ptnr2_label_seq_id 
_struct_conn.ptnr2_label_atom_id 
_struct_conn.pdbx_ptnr2_label_alt_id 
_struct_conn.pdbx_ptnr2_PDB_ins_code 
_struct_conn.ptnr1_auth_asym_id 
_struct_conn.ptnr1_auth_comp_id 
_struct_conn.ptnr1_auth_seq_id 
_struct_conn.ptnr2_auth_asym_id 
_struct_conn.ptnr2_auth_comp_id 
_struct_conn.ptnr2_auth_seq_id 
_struct_conn.ptnr2_symmetry 
_struct_conn.pdbx_ptnr3_label_atom_id 
_struct_conn.pdbx_ptnr3_label_seq_id 
_struct_conn.pdbx_ptnr3_label_comp_id 
_struct_conn.pdbx_ptnr3_label_asym_id 
_struct_conn.pdbx_ptnr3_label_alt_id 
_struct_conn.pdbx_ptnr3_PDB_ins_code 
_struct_conn.details 
_struct_conn.pdbx_dist_value 
_struct_conn.pdbx_value_order 
_struct_conn.pdbx_role 
disulf1 disulf ? ? A CYS 6  SG ? ? ? 1_555 A CYS 48 SG ? ? A CYS 6  A CYS 48 1_555 ? ? ? ? ? ? ? 2.041 ? ? 
disulf2 disulf ? ? A CYS 18 SG ? ? ? 1_555 A CYS 61 SG ? ? A CYS 18 A CYS 61 1_555 ? ? ? ? ? ? ? 2.048 ? ? 
disulf3 disulf ? ? A CYS 47 SG ? ? ? 1_555 A CYS 52 SG ? ? A CYS 47 A CYS 52 1_555 ? ? ? ? ? ? ? 2.040 ? ? 
# 
_struct_conn_type.id          disulf 
_struct_conn_type.criteria    ? 
_struct_conn_type.reference   ? 
# 
loop_
_pdbx_modification_feature.ordinal 
_pdbx_modification_feature.label_comp_id 
_pdbx_modification_feature.label_asym_id 
_pdbx_modification_feature.label_seq_id 
_pdbx_modification_feature.label_alt_id 
_pdbx_modification_feature.modified_residue_label_comp_id 
_pdbx_modification_feature.modified_residue_label_asym_id 
_pdbx_modification_feature.modified_residue_label_seq_id 
_pdbx_modification_feature.modified_residue_label_alt_id 
_pdbx_modification_feature.auth_comp_id 
_pdbx_modification_feature.auth_asym_id 
_pdbx_modification_feature.auth_seq_id 
_pdbx_modification_feature.PDB_ins_code 
_pdbx_modification_feature.symmetry 
_pdbx_modification_feature.modified_residue_auth_comp_id 
_pdbx_modification_feature.modified_residue_auth_asym_id 
_pdbx_modification_feature.modified_residue_auth_seq_id 
_pdbx_modification_feature.modified_residue_PDB_ins_code 
_pdbx_modification_feature.modified_residue_symmetry 
_pdbx_modification_feature.comp_id_linking_atom 
_pdbx_modification_feature.modified_residue_id_linking_atom 
_pdbx_modification_feature.modified_residue_id 
_pdbx_modification_feature.ref_pcm_id 
_pdbx_modification_feature.ref_comp_id 
_pdbx_modification_feature.type 
_pdbx_modification_feature.category 
1 CYS A 6  ? CYS A 48 ? CYS A 6  ? 1_555 CYS A 48 ? 1_555 SG SG . . . None 'Disulfide bridge' 
2 CYS A 18 ? CYS A 61 ? CYS A 18 ? 1_555 CYS A 61 ? 1_555 SG SG . . . None 'Disulfide bridge' 
3 CYS A 47 ? CYS A 52 ? CYS A 47 ? 1_555 CYS A 52 ? 1_555 SG SG . . . None 'Disulfide bridge' 
# 
_pdbx_entry_details.entry_id                   2GF1 
_pdbx_entry_details.compound_details           ? 
_pdbx_entry_details.source_details             ? 
_pdbx_entry_details.nonpolymer_details         ? 
_pdbx_entry_details.sequence_details           ? 
_pdbx_entry_details.has_ligand_of_interest     ? 
_pdbx_entry_details.has_protein_modification   Y 
# 
loop_
_pdbx_validate_rmsd_angle.id 
_pdbx_validate_rmsd_angle.PDB_model_num 
_pdbx_validate_rmsd_angle.auth_atom_id_1 
_pdbx_validate_rmsd_angle.auth_asym_id_1 
_pdbx_validate_rmsd_angle.auth_comp_id_1 
_pdbx_validate_rmsd_angle.auth_seq_id_1 
_pdbx_validate_rmsd_angle.PDB_ins_code_1 
_pdbx_validate_rmsd_angle.label_alt_id_1 
_pdbx_validate_rmsd_angle.auth_atom_id_2 
_pdbx_validate_rmsd_angle.auth_asym_id_2 
_pdbx_validate_rmsd_angle.auth_comp_id_2 
_pdbx_validate_rmsd_angle.auth_seq_id_2 
_pdbx_validate_rmsd_angle.PDB_ins_code_2 
_pdbx_validate_rmsd_angle.label_alt_id_2 
_pdbx_validate_rmsd_angle.auth_atom_id_3 
_pdbx_validate_rmsd_angle.auth_asym_id_3 
_pdbx_validate_rmsd_angle.auth_comp_id_3 
_pdbx_validate_rmsd_angle.auth_seq_id_3 
_pdbx_validate_rmsd_angle.PDB_ins_code_3 
_pdbx_validate_rmsd_angle.label_alt_id_3 
_pdbx_validate_rmsd_angle.angle_value 
_pdbx_validate_rmsd_angle.angle_target_value 
_pdbx_validate_rmsd_angle.angle_deviation 
_pdbx_validate_rmsd_angle.angle_standard_deviation 
_pdbx_validate_rmsd_angle.linker_flag 
1 1 CB A PHE 16 ? ? CG A PHE 16 ? ? CD2 A PHE 16 ? ? 116.58 120.80 -4.22  0.70 N 
2 1 CB A TYR 24 ? ? CG A TYR 24 ? ? CD2 A TYR 24 ? ? 117.28 121.00 -3.72  0.60 N 
3 1 NE A ARG 50 ? ? CZ A ARG 50 ? ? NH1 A ARG 50 ? ? 123.32 120.30 3.02   0.50 N 
4 1 CB A TYR 60 ? ? CG A TYR 60 ? ? CD1 A TYR 60 ? ? 115.95 121.00 -5.05  0.60 N 
5 1 N  A CYS 61 ? ? CA A CYS 61 ? ? CB  A CYS 61 ? ? 125.15 110.80 14.35  1.50 N 
6 1 N  A CYS 61 ? ? CA A CYS 61 ? ? C   A CYS 61 ? ? 92.15  111.00 -18.85 2.70 N 
# 
loop_
_pdbx_validate_torsion.id 
_pdbx_validate_torsion.PDB_model_num 
_pdbx_validate_torsion.auth_comp_id 
_pdbx_validate_torsion.auth_asym_id 
_pdbx_validate_torsion.auth_seq_id 
_pdbx_validate_torsion.PDB_ins_code 
_pdbx_validate_torsion.label_alt_id 
_pdbx_validate_torsion.phi 
_pdbx_validate_torsion.psi 
1  1 VAL A 17 ? ? -102.83 -74.04  
2  1 TYR A 24 ? ? -173.85 107.69  
3  1 LYS A 27 ? ? -78.47  -114.71 
4  1 PRO A 28 ? ? -100.76 63.30   
5  1 ARG A 37 ? ? -97.71  32.42   
6  1 THR A 41 ? ? 92.76   -40.08  
7  1 ILE A 43 ? ? -16.66  -60.74  
8  1 GLU A 46 ? ? -69.35  -74.63  
9  1 ARG A 50 ? ? -147.96 -94.55  
10 1 ASP A 53 ? ? 168.03  -176.23 
11 1 ARG A 56 ? ? -81.15  37.37   
12 1 CYS A 61 ? ? -90.99  -83.41  
13 1 PRO A 63 ? ? -79.72  26.47   
# 
loop_
_pdbx_validate_peptide_omega.id 
_pdbx_validate_peptide_omega.PDB_model_num 
_pdbx_validate_peptide_omega.auth_comp_id_1 
_pdbx_validate_peptide_omega.auth_asym_id_1 
_pdbx_validate_peptide_omega.auth_seq_id_1 
_pdbx_validate_peptide_omega.PDB_ins_code_1 
_pdbx_validate_peptide_omega.label_alt_id_1 
_pdbx_validate_peptide_omega.auth_comp_id_2 
_pdbx_validate_peptide_omega.auth_asym_id_2 
_pdbx_validate_peptide_omega.auth_seq_id_2 
_pdbx_validate_peptide_omega.PDB_ins_code_2 
_pdbx_validate_peptide_omega.label_alt_id_2 
_pdbx_validate_peptide_omega.omega 
1 1 LYS A 27 ? ? PRO A 28 ? ? 141.27 
2 1 SER A 51 ? ? CYS A 52 ? ? 143.51 
3 1 CYS A 61 ? ? ALA A 62 ? ? 127.78 
# 
loop_
_pdbx_validate_planes.id 
_pdbx_validate_planes.PDB_model_num 
_pdbx_validate_planes.auth_comp_id 
_pdbx_validate_planes.auth_asym_id 
_pdbx_validate_planes.auth_seq_id 
_pdbx_validate_planes.PDB_ins_code 
_pdbx_validate_planes.label_alt_id 
_pdbx_validate_planes.rmsd 
_pdbx_validate_planes.type 
1 1 PHE A 16 ? ? 0.091 'SIDE CHAIN' 
2 1 TYR A 24 ? ? 0.116 'SIDE CHAIN' 
3 1 PHE A 25 ? ? 0.075 'SIDE CHAIN' 
4 1 TYR A 31 ? ? 0.091 'SIDE CHAIN' 
# 
_pdbx_validate_main_chain_plane.id                       1 
_pdbx_validate_main_chain_plane.PDB_model_num            1 
_pdbx_validate_main_chain_plane.auth_comp_id             ARG 
_pdbx_validate_main_chain_plane.auth_asym_id             A 
_pdbx_validate_main_chain_plane.auth_seq_id              36 
_pdbx_validate_main_chain_plane.PDB_ins_code             ? 
_pdbx_validate_main_chain_plane.label_alt_id             ? 
_pdbx_validate_main_chain_plane.improper_torsion_angle   -12.39 
# 
_pdbx_nmr_ensemble.entry_id                             2GF1 
_pdbx_nmr_ensemble.conformers_calculated_total_number   ? 
_pdbx_nmr_ensemble.conformers_submitted_total_number    1 
_pdbx_nmr_ensemble.conformer_selection_criteria         ? 
# 
_pdbx_nmr_software.classification   refinement 
_pdbx_nmr_software.name             GROMOS 
_pdbx_nmr_software.version          ? 
_pdbx_nmr_software.authors          'VAN GUNSTEREN,BERENDSEN' 
_pdbx_nmr_software.ordinal          1 
# 
loop_
_chem_comp_atom.comp_id 
_chem_comp_atom.atom_id 
_chem_comp_atom.type_symbol 
_chem_comp_atom.pdbx_aromatic_flag 
_chem_comp_atom.pdbx_stereo_config 
_chem_comp_atom.pdbx_ordinal 
ALA N    N N N 1   
ALA CA   C N S 2   
ALA C    C N N 3   
ALA O    O N N 4   
ALA CB   C N N 5   
ALA OXT  O N N 6   
ALA H    H N N 7   
ALA H2   H N N 8   
ALA HA   H N N 9   
ALA HB1  H N N 10  
ALA HB2  H N N 11  
ALA HB3  H N N 12  
ALA HXT  H N N 13  
ARG N    N N N 14  
ARG CA   C N S 15  
ARG C    C N N 16  
ARG O    O N N 17  
ARG CB   C N N 18  
ARG CG   C N N 19  
ARG CD   C N N 20  
ARG NE   N N N 21  
ARG CZ   C N N 22  
ARG NH1  N N N 23  
ARG NH2  N N N 24  
ARG OXT  O N N 25  
ARG H    H N N 26  
ARG H2   H N N 27  
ARG HA   H N N 28  
ARG HB2  H N N 29  
ARG HB3  H N N 30  
ARG HG2  H N N 31  
ARG HG3  H N N 32  
ARG HD2  H N N 33  
ARG HD3  H N N 34  
ARG HE   H N N 35  
ARG HH11 H N N 36  
ARG HH12 H N N 37  
ARG HH21 H N N 38  
ARG HH22 H N N 39  
ARG HXT  H N N 40  
ASN N    N N N 41  
ASN CA   C N S 42  
ASN C    C N N 43  
ASN O    O N N 44  
ASN CB   C N N 45  
ASN CG   C N N 46  
ASN OD1  O N N 47  
ASN ND2  N N N 48  
ASN OXT  O N N 49  
ASN H    H N N 50  
ASN H2   H N N 51  
ASN HA   H N N 52  
ASN HB2  H N N 53  
ASN HB3  H N N 54  
ASN HD21 H N N 55  
ASN HD22 H N N 56  
ASN HXT  H N N 57  
ASP N    N N N 58  
ASP CA   C N S 59  
ASP C    C N N 60  
ASP O    O N N 61  
ASP CB   C N N 62  
ASP CG   C N N 63  
ASP OD1  O N N 64  
ASP OD2  O N N 65  
ASP OXT  O N N 66  
ASP H    H N N 67  
ASP H2   H N N 68  
ASP HA   H N N 69  
ASP HB2  H N N 70  
ASP HB3  H N N 71  
ASP HD2  H N N 72  
ASP HXT  H N N 73  
CYS N    N N N 74  
CYS CA   C N R 75  
CYS C    C N N 76  
CYS O    O N N 77  
CYS CB   C N N 78  
CYS SG   S N N 79  
CYS OXT  O N N 80  
CYS H    H N N 81  
CYS H2   H N N 82  
CYS HA   H N N 83  
CYS HB2  H N N 84  
CYS HB3  H N N 85  
CYS HG   H N N 86  
CYS HXT  H N N 87  
GLN N    N N N 88  
GLN CA   C N S 89  
GLN C    C N N 90  
GLN O    O N N 91  
GLN CB   C N N 92  
GLN CG   C N N 93  
GLN CD   C N N 94  
GLN OE1  O N N 95  
GLN NE2  N N N 96  
GLN OXT  O N N 97  
GLN H    H N N 98  
GLN H2   H N N 99  
GLN HA   H N N 100 
GLN HB2  H N N 101 
GLN HB3  H N N 102 
GLN HG2  H N N 103 
GLN HG3  H N N 104 
GLN HE21 H N N 105 
GLN HE22 H N N 106 
GLN HXT  H N N 107 
GLU N    N N N 108 
GLU CA   C N S 109 
GLU C    C N N 110 
GLU O    O N N 111 
GLU CB   C N N 112 
GLU CG   C N N 113 
GLU CD   C N N 114 
GLU OE1  O N N 115 
GLU OE2  O N N 116 
GLU OXT  O N N 117 
GLU H    H N N 118 
GLU H2   H N N 119 
GLU HA   H N N 120 
GLU HB2  H N N 121 
GLU HB3  H N N 122 
GLU HG2  H N N 123 
GLU HG3  H N N 124 
GLU HE2  H N N 125 
GLU HXT  H N N 126 
GLY N    N N N 127 
GLY CA   C N N 128 
GLY C    C N N 129 
GLY O    O N N 130 
GLY OXT  O N N 131 
GLY H    H N N 132 
GLY H2   H N N 133 
GLY HA2  H N N 134 
GLY HA3  H N N 135 
GLY HXT  H N N 136 
ILE N    N N N 137 
ILE CA   C N S 138 
ILE C    C N N 139 
ILE O    O N N 140 
ILE CB   C N S 141 
ILE CG1  C N N 142 
ILE CG2  C N N 143 
ILE CD1  C N N 144 
ILE OXT  O N N 145 
ILE H    H N N 146 
ILE H2   H N N 147 
ILE HA   H N N 148 
ILE HB   H N N 149 
ILE HG12 H N N 150 
ILE HG13 H N N 151 
ILE HG21 H N N 152 
ILE HG22 H N N 153 
ILE HG23 H N N 154 
ILE HD11 H N N 155 
ILE HD12 H N N 156 
ILE HD13 H N N 157 
ILE HXT  H N N 158 
LEU N    N N N 159 
LEU CA   C N S 160 
LEU C    C N N 161 
LEU O    O N N 162 
LEU CB   C N N 163 
LEU CG   C N N 164 
LEU CD1  C N N 165 
LEU CD2  C N N 166 
LEU OXT  O N N 167 
LEU H    H N N 168 
LEU H2   H N N 169 
LEU HA   H N N 170 
LEU HB2  H N N 171 
LEU HB3  H N N 172 
LEU HG   H N N 173 
LEU HD11 H N N 174 
LEU HD12 H N N 175 
LEU HD13 H N N 176 
LEU HD21 H N N 177 
LEU HD22 H N N 178 
LEU HD23 H N N 179 
LEU HXT  H N N 180 
LYS N    N N N 181 
LYS CA   C N S 182 
LYS C    C N N 183 
LYS O    O N N 184 
LYS CB   C N N 185 
LYS CG   C N N 186 
LYS CD   C N N 187 
LYS CE   C N N 188 
LYS NZ   N N N 189 
LYS OXT  O N N 190 
LYS H    H N N 191 
LYS H2   H N N 192 
LYS HA   H N N 193 
LYS HB2  H N N 194 
LYS HB3  H N N 195 
LYS HG2  H N N 196 
LYS HG3  H N N 197 
LYS HD2  H N N 198 
LYS HD3  H N N 199 
LYS HE2  H N N 200 
LYS HE3  H N N 201 
LYS HZ1  H N N 202 
LYS HZ2  H N N 203 
LYS HZ3  H N N 204 
LYS HXT  H N N 205 
MET N    N N N 206 
MET CA   C N S 207 
MET C    C N N 208 
MET O    O N N 209 
MET CB   C N N 210 
MET CG   C N N 211 
MET SD   S N N 212 
MET CE   C N N 213 
MET OXT  O N N 214 
MET H    H N N 215 
MET H2   H N N 216 
MET HA   H N N 217 
MET HB2  H N N 218 
MET HB3  H N N 219 
MET HG2  H N N 220 
MET HG3  H N N 221 
MET HE1  H N N 222 
MET HE2  H N N 223 
MET HE3  H N N 224 
MET HXT  H N N 225 
PHE N    N N N 226 
PHE CA   C N S 227 
PHE C    C N N 228 
PHE O    O N N 229 
PHE CB   C N N 230 
PHE CG   C Y N 231 
PHE CD1  C Y N 232 
PHE CD2  C Y N 233 
PHE CE1  C Y N 234 
PHE CE2  C Y N 235 
PHE CZ   C Y N 236 
PHE OXT  O N N 237 
PHE H    H N N 238 
PHE H2   H N N 239 
PHE HA   H N N 240 
PHE HB2  H N N 241 
PHE HB3  H N N 242 
PHE HD1  H N N 243 
PHE HD2  H N N 244 
PHE HE1  H N N 245 
PHE HE2  H N N 246 
PHE HZ   H N N 247 
PHE HXT  H N N 248 
PRO N    N N N 249 
PRO CA   C N S 250 
PRO C    C N N 251 
PRO O    O N N 252 
PRO CB   C N N 253 
PRO CG   C N N 254 
PRO CD   C N N 255 
PRO OXT  O N N 256 
PRO H    H N N 257 
PRO HA   H N N 258 
PRO HB2  H N N 259 
PRO HB3  H N N 260 
PRO HG2  H N N 261 
PRO HG3  H N N 262 
PRO HD2  H N N 263 
PRO HD3  H N N 264 
PRO HXT  H N N 265 
SER N    N N N 266 
SER CA   C N S 267 
SER C    C N N 268 
SER O    O N N 269 
SER CB   C N N 270 
SER OG   O N N 271 
SER OXT  O N N 272 
SER H    H N N 273 
SER H2   H N N 274 
SER HA   H N N 275 
SER HB2  H N N 276 
SER HB3  H N N 277 
SER HG   H N N 278 
SER HXT  H N N 279 
THR N    N N N 280 
THR CA   C N S 281 
THR C    C N N 282 
THR O    O N N 283 
THR CB   C N R 284 
THR OG1  O N N 285 
THR CG2  C N N 286 
THR OXT  O N N 287 
THR H    H N N 288 
THR H2   H N N 289 
THR HA   H N N 290 
THR HB   H N N 291 
THR HG1  H N N 292 
THR HG21 H N N 293 
THR HG22 H N N 294 
THR HG23 H N N 295 
THR HXT  H N N 296 
TYR N    N N N 297 
TYR CA   C N S 298 
TYR C    C N N 299 
TYR O    O N N 300 
TYR CB   C N N 301 
TYR CG   C Y N 302 
TYR CD1  C Y N 303 
TYR CD2  C Y N 304 
TYR CE1  C Y N 305 
TYR CE2  C Y N 306 
TYR CZ   C Y N 307 
TYR OH   O N N 308 
TYR OXT  O N N 309 
TYR H    H N N 310 
TYR H2   H N N 311 
TYR HA   H N N 312 
TYR HB2  H N N 313 
TYR HB3  H N N 314 
TYR HD1  H N N 315 
TYR HD2  H N N 316 
TYR HE1  H N N 317 
TYR HE2  H N N 318 
TYR HH   H N N 319 
TYR HXT  H N N 320 
VAL N    N N N 321 
VAL CA   C N S 322 
VAL C    C N N 323 
VAL O    O N N 324 
VAL CB   C N N 325 
VAL CG1  C N N 326 
VAL CG2  C N N 327 
VAL OXT  O N N 328 
VAL H    H N N 329 
VAL H2   H N N 330 
VAL HA   H N N 331 
VAL HB   H N N 332 
VAL HG11 H N N 333 
VAL HG12 H N N 334 
VAL HG13 H N N 335 
VAL HG21 H N N 336 
VAL HG22 H N N 337 
VAL HG23 H N N 338 
VAL HXT  H N N 339 
# 
loop_
_chem_comp_bond.comp_id 
_chem_comp_bond.atom_id_1 
_chem_comp_bond.atom_id_2 
_chem_comp_bond.value_order 
_chem_comp_bond.pdbx_aromatic_flag 
_chem_comp_bond.pdbx_stereo_config 
_chem_comp_bond.pdbx_ordinal 
ALA N   CA   sing N N 1   
ALA N   H    sing N N 2   
ALA N   H2   sing N N 3   
ALA CA  C    sing N N 4   
ALA CA  CB   sing N N 5   
ALA CA  HA   sing N N 6   
ALA C   O    doub N N 7   
ALA C   OXT  sing N N 8   
ALA CB  HB1  sing N N 9   
ALA CB  HB2  sing N N 10  
ALA CB  HB3  sing N N 11  
ALA OXT HXT  sing N N 12  
ARG N   CA   sing N N 13  
ARG N   H    sing N N 14  
ARG N   H2   sing N N 15  
ARG CA  C    sing N N 16  
ARG CA  CB   sing N N 17  
ARG CA  HA   sing N N 18  
ARG C   O    doub N N 19  
ARG C   OXT  sing N N 20  
ARG CB  CG   sing N N 21  
ARG CB  HB2  sing N N 22  
ARG CB  HB3  sing N N 23  
ARG CG  CD   sing N N 24  
ARG CG  HG2  sing N N 25  
ARG CG  HG3  sing N N 26  
ARG CD  NE   sing N N 27  
ARG CD  HD2  sing N N 28  
ARG CD  HD3  sing N N 29  
ARG NE  CZ   sing N N 30  
ARG NE  HE   sing N N 31  
ARG CZ  NH1  sing N N 32  
ARG CZ  NH2  doub N N 33  
ARG NH1 HH11 sing N N 34  
ARG NH1 HH12 sing N N 35  
ARG NH2 HH21 sing N N 36  
ARG NH2 HH22 sing N N 37  
ARG OXT HXT  sing N N 38  
ASN N   CA   sing N N 39  
ASN N   H    sing N N 40  
ASN N   H2   sing N N 41  
ASN CA  C    sing N N 42  
ASN CA  CB   sing N N 43  
ASN CA  HA   sing N N 44  
ASN C   O    doub N N 45  
ASN C   OXT  sing N N 46  
ASN CB  CG   sing N N 47  
ASN CB  HB2  sing N N 48  
ASN CB  HB3  sing N N 49  
ASN CG  OD1  doub N N 50  
ASN CG  ND2  sing N N 51  
ASN ND2 HD21 sing N N 52  
ASN ND2 HD22 sing N N 53  
ASN OXT HXT  sing N N 54  
ASP N   CA   sing N N 55  
ASP N   H    sing N N 56  
ASP N   H2   sing N N 57  
ASP CA  C    sing N N 58  
ASP CA  CB   sing N N 59  
ASP CA  HA   sing N N 60  
ASP C   O    doub N N 61  
ASP C   OXT  sing N N 62  
ASP CB  CG   sing N N 63  
ASP CB  HB2  sing N N 64  
ASP CB  HB3  sing N N 65  
ASP CG  OD1  doub N N 66  
ASP CG  OD2  sing N N 67  
ASP OD2 HD2  sing N N 68  
ASP OXT HXT  sing N N 69  
CYS N   CA   sing N N 70  
CYS N   H    sing N N 71  
CYS N   H2   sing N N 72  
CYS CA  C    sing N N 73  
CYS CA  CB   sing N N 74  
CYS CA  HA   sing N N 75  
CYS C   O    doub N N 76  
CYS C   OXT  sing N N 77  
CYS CB  SG   sing N N 78  
CYS CB  HB2  sing N N 79  
CYS CB  HB3  sing N N 80  
CYS SG  HG   sing N N 81  
CYS OXT HXT  sing N N 82  
GLN N   CA   sing N N 83  
GLN N   H    sing N N 84  
GLN N   H2   sing N N 85  
GLN CA  C    sing N N 86  
GLN CA  CB   sing N N 87  
GLN CA  HA   sing N N 88  
GLN C   O    doub N N 89  
GLN C   OXT  sing N N 90  
GLN CB  CG   sing N N 91  
GLN CB  HB2  sing N N 92  
GLN CB  HB3  sing N N 93  
GLN CG  CD   sing N N 94  
GLN CG  HG2  sing N N 95  
GLN CG  HG3  sing N N 96  
GLN CD  OE1  doub N N 97  
GLN CD  NE2  sing N N 98  
GLN NE2 HE21 sing N N 99  
GLN NE2 HE22 sing N N 100 
GLN OXT HXT  sing N N 101 
GLU N   CA   sing N N 102 
GLU N   H    sing N N 103 
GLU N   H2   sing N N 104 
GLU CA  C    sing N N 105 
GLU CA  CB   sing N N 106 
GLU CA  HA   sing N N 107 
GLU C   O    doub N N 108 
GLU C   OXT  sing N N 109 
GLU CB  CG   sing N N 110 
GLU CB  HB2  sing N N 111 
GLU CB  HB3  sing N N 112 
GLU CG  CD   sing N N 113 
GLU CG  HG2  sing N N 114 
GLU CG  HG3  sing N N 115 
GLU CD  OE1  doub N N 116 
GLU CD  OE2  sing N N 117 
GLU OE2 HE2  sing N N 118 
GLU OXT HXT  sing N N 119 
GLY N   CA   sing N N 120 
GLY N   H    sing N N 121 
GLY N   H2   sing N N 122 
GLY CA  C    sing N N 123 
GLY CA  HA2  sing N N 124 
GLY CA  HA3  sing N N 125 
GLY C   O    doub N N 126 
GLY C   OXT  sing N N 127 
GLY OXT HXT  sing N N 128 
ILE N   CA   sing N N 129 
ILE N   H    sing N N 130 
ILE N   H2   sing N N 131 
ILE CA  C    sing N N 132 
ILE CA  CB   sing N N 133 
ILE CA  HA   sing N N 134 
ILE C   O    doub N N 135 
ILE C   OXT  sing N N 136 
ILE CB  CG1  sing N N 137 
ILE CB  CG2  sing N N 138 
ILE CB  HB   sing N N 139 
ILE CG1 CD1  sing N N 140 
ILE CG1 HG12 sing N N 141 
ILE CG1 HG13 sing N N 142 
ILE CG2 HG21 sing N N 143 
ILE CG2 HG22 sing N N 144 
ILE CG2 HG23 sing N N 145 
ILE CD1 HD11 sing N N 146 
ILE CD1 HD12 sing N N 147 
ILE CD1 HD13 sing N N 148 
ILE OXT HXT  sing N N 149 
LEU N   CA   sing N N 150 
LEU N   H    sing N N 151 
LEU N   H2   sing N N 152 
LEU CA  C    sing N N 153 
LEU CA  CB   sing N N 154 
LEU CA  HA   sing N N 155 
LEU C   O    doub N N 156 
LEU C   OXT  sing N N 157 
LEU CB  CG   sing N N 158 
LEU CB  HB2  sing N N 159 
LEU CB  HB3  sing N N 160 
LEU CG  CD1  sing N N 161 
LEU CG  CD2  sing N N 162 
LEU CG  HG   sing N N 163 
LEU CD1 HD11 sing N N 164 
LEU CD1 HD12 sing N N 165 
LEU CD1 HD13 sing N N 166 
LEU CD2 HD21 sing N N 167 
LEU CD2 HD22 sing N N 168 
LEU CD2 HD23 sing N N 169 
LEU OXT HXT  sing N N 170 
LYS N   CA   sing N N 171 
LYS N   H    sing N N 172 
LYS N   H2   sing N N 173 
LYS CA  C    sing N N 174 
LYS CA  CB   sing N N 175 
LYS CA  HA   sing N N 176 
LYS C   O    doub N N 177 
LYS C   OXT  sing N N 178 
LYS CB  CG   sing N N 179 
LYS CB  HB2  sing N N 180 
LYS CB  HB3  sing N N 181 
LYS CG  CD   sing N N 182 
LYS CG  HG2  sing N N 183 
LYS CG  HG3  sing N N 184 
LYS CD  CE   sing N N 185 
LYS CD  HD2  sing N N 186 
LYS CD  HD3  sing N N 187 
LYS CE  NZ   sing N N 188 
LYS CE  HE2  sing N N 189 
LYS CE  HE3  sing N N 190 
LYS NZ  HZ1  sing N N 191 
LYS NZ  HZ2  sing N N 192 
LYS NZ  HZ3  sing N N 193 
LYS OXT HXT  sing N N 194 
MET N   CA   sing N N 195 
MET N   H    sing N N 196 
MET N   H2   sing N N 197 
MET CA  C    sing N N 198 
MET CA  CB   sing N N 199 
MET CA  HA   sing N N 200 
MET C   O    doub N N 201 
MET C   OXT  sing N N 202 
MET CB  CG   sing N N 203 
MET CB  HB2  sing N N 204 
MET CB  HB3  sing N N 205 
MET CG  SD   sing N N 206 
MET CG  HG2  sing N N 207 
MET CG  HG3  sing N N 208 
MET SD  CE   sing N N 209 
MET CE  HE1  sing N N 210 
MET CE  HE2  sing N N 211 
MET CE  HE3  sing N N 212 
MET OXT HXT  sing N N 213 
PHE N   CA   sing N N 214 
PHE N   H    sing N N 215 
PHE N   H2   sing N N 216 
PHE CA  C    sing N N 217 
PHE CA  CB   sing N N 218 
PHE CA  HA   sing N N 219 
PHE C   O    doub N N 220 
PHE C   OXT  sing N N 221 
PHE CB  CG   sing N N 222 
PHE CB  HB2  sing N N 223 
PHE CB  HB3  sing N N 224 
PHE CG  CD1  doub Y N 225 
PHE CG  CD2  sing Y N 226 
PHE CD1 CE1  sing Y N 227 
PHE CD1 HD1  sing N N 228 
PHE CD2 CE2  doub Y N 229 
PHE CD2 HD2  sing N N 230 
PHE CE1 CZ   doub Y N 231 
PHE CE1 HE1  sing N N 232 
PHE CE2 CZ   sing Y N 233 
PHE CE2 HE2  sing N N 234 
PHE CZ  HZ   sing N N 235 
PHE OXT HXT  sing N N 236 
PRO N   CA   sing N N 237 
PRO N   CD   sing N N 238 
PRO N   H    sing N N 239 
PRO CA  C    sing N N 240 
PRO CA  CB   sing N N 241 
PRO CA  HA   sing N N 242 
PRO C   O    doub N N 243 
PRO C   OXT  sing N N 244 
PRO CB  CG   sing N N 245 
PRO CB  HB2  sing N N 246 
PRO CB  HB3  sing N N 247 
PRO CG  CD   sing N N 248 
PRO CG  HG2  sing N N 249 
PRO CG  HG3  sing N N 250 
PRO CD  HD2  sing N N 251 
PRO CD  HD3  sing N N 252 
PRO OXT HXT  sing N N 253 
SER N   CA   sing N N 254 
SER N   H    sing N N 255 
SER N   H2   sing N N 256 
SER CA  C    sing N N 257 
SER CA  CB   sing N N 258 
SER CA  HA   sing N N 259 
SER C   O    doub N N 260 
SER C   OXT  sing N N 261 
SER CB  OG   sing N N 262 
SER CB  HB2  sing N N 263 
SER CB  HB3  sing N N 264 
SER OG  HG   sing N N 265 
SER OXT HXT  sing N N 266 
THR N   CA   sing N N 267 
THR N   H    sing N N 268 
THR N   H2   sing N N 269 
THR CA  C    sing N N 270 
THR CA  CB   sing N N 271 
THR CA  HA   sing N N 272 
THR C   O    doub N N 273 
THR C   OXT  sing N N 274 
THR CB  OG1  sing N N 275 
THR CB  CG2  sing N N 276 
THR CB  HB   sing N N 277 
THR OG1 HG1  sing N N 278 
THR CG2 HG21 sing N N 279 
THR CG2 HG22 sing N N 280 
THR CG2 HG23 sing N N 281 
THR OXT HXT  sing N N 282 
TYR N   CA   sing N N 283 
TYR N   H    sing N N 284 
TYR N   H2   sing N N 285 
TYR CA  C    sing N N 286 
TYR CA  CB   sing N N 287 
TYR CA  HA   sing N N 288 
TYR C   O    doub N N 289 
TYR C   OXT  sing N N 290 
TYR CB  CG   sing N N 291 
TYR CB  HB2  sing N N 292 
TYR CB  HB3  sing N N 293 
TYR CG  CD1  doub Y N 294 
TYR CG  CD2  sing Y N 295 
TYR CD1 CE1  sing Y N 296 
TYR CD1 HD1  sing N N 297 
TYR CD2 CE2  doub Y N 298 
TYR CD2 HD2  sing N N 299 
TYR CE1 CZ   doub Y N 300 
TYR CE1 HE1  sing N N 301 
TYR CE2 CZ   sing Y N 302 
TYR CE2 HE2  sing N N 303 
TYR CZ  OH   sing N N 304 
TYR OH  HH   sing N N 305 
TYR OXT HXT  sing N N 306 
VAL N   CA   sing N N 307 
VAL N   H    sing N N 308 
VAL N   H2   sing N N 309 
VAL CA  C    sing N N 310 
VAL CA  CB   sing N N 311 
VAL CA  HA   sing N N 312 
VAL C   O    doub N N 313 
VAL C   OXT  sing N N 314 
VAL CB  CG1  sing N N 315 
VAL CB  CG2  sing N N 316 
VAL CB  HB   sing N N 317 
VAL CG1 HG11 sing N N 318 
VAL CG1 HG12 sing N N 319 
VAL CG1 HG13 sing N N 320 
VAL CG2 HG21 sing N N 321 
VAL CG2 HG22 sing N N 322 
VAL CG2 HG23 sing N N 323 
VAL OXT HXT  sing N N 324 
# 
_atom_sites.entry_id                    2GF1 
_atom_sites.fract_transf_matrix[1][1]   1.000000 
_atom_sites.fract_transf_matrix[1][2]   0.000000 
_atom_sites.fract_transf_matrix[1][3]   0.000000 
_atom_sites.fract_transf_matrix[2][1]   0.000000 
_atom_sites.fract_transf_matrix[2][2]   1.000000 
_atom_sites.fract_transf_matrix[2][3]   0.000000 
_atom_sites.fract_transf_matrix[3][1]   0.000000 
_atom_sites.fract_transf_matrix[3][2]   0.000000 
_atom_sites.fract_transf_matrix[3][3]   1.000000 
_atom_sites.fract_transf_vector[1]      0.00000 
_atom_sites.fract_transf_vector[2]      0.00000 
_atom_sites.fract_transf_vector[3]      0.00000 
# 
loop_
_atom_type.symbol 
C 
H 
N 
O 
S 
# 
loop_
_atom_site.group_PDB 
_atom_site.id 
_atom_site.type_symbol 
_atom_site.label_atom_id 
_atom_site.label_alt_id 
_atom_site.label_comp_id 
_atom_site.label_asym_id 
_atom_site.label_entity_id 
_atom_site.label_seq_id 
_atom_site.pdbx_PDB_ins_code 
_atom_site.Cartn_x 
_atom_site.Cartn_y 
_atom_site.Cartn_z 
_atom_site.occupancy 
_atom_site.B_iso_or_equiv 
_atom_site.pdbx_formal_charge 
_atom_site.auth_seq_id 
_atom_site.auth_comp_id 
_atom_site.auth_asym_id 
_atom_site.auth_atom_id 
_atom_site.pdbx_PDB_model_num 
ATOM 1   N N    . GLY A 1 1  ? -7.351  5.452   6.925   1.00 0.00 ? 1  GLY A N    1 
ATOM 2   C CA   . GLY A 1 1  ? -7.011  6.299   8.074   1.00 0.00 ? 1  GLY A CA   1 
ATOM 3   C C    . GLY A 1 1  ? -6.158  5.570   9.123   1.00 0.00 ? 1  GLY A C    1 
ATOM 4   O O    . GLY A 1 1  ? -5.544  4.546   8.828   1.00 0.00 ? 1  GLY A O    1 
ATOM 5   H H1   . GLY A 1 1  ? -6.976  4.534   7.059   1.00 0.00 ? 1  GLY A H1   1 
ATOM 6   H H2   . GLY A 1 1  ? -8.349  5.390   6.830   1.00 0.00 ? 1  GLY A H2   1 
ATOM 7   H H3   . GLY A 1 1  ? -6.958  5.842   6.094   1.00 0.00 ? 1  GLY A H3   1 
ATOM 8   N N    . PRO A 1 2  ? -6.202  6.069   10.354  1.00 0.00 ? 2  PRO A N    1 
ATOM 9   C CA   . PRO A 1 2  ? -5.102  5.875   11.324  1.00 0.00 ? 2  PRO A CA   1 
ATOM 10  C C    . PRO A 1 2  ? -5.008  4.455   11.885  1.00 0.00 ? 2  PRO A C    1 
ATOM 11  O O    . PRO A 1 2  ? -5.801  4.027   12.730  1.00 0.00 ? 2  PRO A O    1 
ATOM 12  C CB   . PRO A 1 2  ? -5.387  6.963   12.358  1.00 0.00 ? 2  PRO A CB   1 
ATOM 13  C CG   . PRO A 1 2  ? -6.910  7.031   12.414  1.00 0.00 ? 2  PRO A CG   1 
ATOM 14  C CD   . PRO A 1 2  ? -7.308  6.829   10.958  1.00 0.00 ? 2  PRO A CD   1 
ATOM 15  N N    . GLU A 1 3  ? -4.115  3.702   11.264  1.00 0.00 ? 3  GLU A N    1 
ATOM 16  C CA   . GLU A 1 3  ? -3.725  2.326   11.613  1.00 0.00 ? 3  GLU A CA   1 
ATOM 17  C C    . GLU A 1 3  ? -2.319  2.024   11.077  1.00 0.00 ? 3  GLU A C    1 
ATOM 18  O O    . GLU A 1 3  ? -2.092  1.752   9.896   1.00 0.00 ? 3  GLU A O    1 
ATOM 19  C CB   . GLU A 1 3  ? -4.762  1.289   11.168  1.00 0.00 ? 3  GLU A CB   1 
ATOM 20  C CG   . GLU A 1 3  ? -5.425  1.548   9.811   1.00 0.00 ? 3  GLU A CG   1 
ATOM 21  C CD   . GLU A 1 3  ? -6.938  1.712   9.978   1.00 0.00 ? 3  GLU A CD   1 
ATOM 22  O OE1  . GLU A 1 3  ? -7.377  2.861   10.195  1.00 0.00 ? 3  GLU A OE1  1 
ATOM 23  O OE2  . GLU A 1 3  ? -7.628  0.679   9.885   1.00 0.00 ? 3  GLU A OE2  1 
ATOM 24  H H    . GLU A 1 3  ? -3.678  4.010   10.420  1.00 0.00 ? 3  GLU A H    1 
ATOM 25  N N    . THR A 1 4  ? -1.398  2.219   12.013  1.00 0.00 ? 4  THR A N    1 
ATOM 26  C CA   . THR A 1 4  ? 0.046   2.339   11.774  1.00 0.00 ? 4  THR A CA   1 
ATOM 27  C C    . THR A 1 4  ? 0.825   1.034   12.031  1.00 0.00 ? 4  THR A C    1 
ATOM 28  O O    . THR A 1 4  ? 0.889   0.520   13.142  1.00 0.00 ? 4  THR A O    1 
ATOM 29  C CB   . THR A 1 4  ? 0.616   3.456   12.651  1.00 0.00 ? 4  THR A CB   1 
ATOM 30  O OG1  . THR A 1 4  ? 0.129   3.317   13.985  1.00 0.00 ? 4  THR A OG1  1 
ATOM 31  C CG2  . THR A 1 4  ? 0.253   4.832   12.085  1.00 0.00 ? 4  THR A CG2  1 
ATOM 32  H H    . THR A 1 4  ? -1.654  2.424   12.957  1.00 0.00 ? 4  THR A H    1 
ATOM 33  H HG1  . THR A 1 4  ? 0.713   3.840   14.595  1.00 0.00 ? 4  THR A HG1  1 
ATOM 34  N N    . LEU A 1 5  ? 1.348   0.510   10.935  1.00 0.00 ? 5  LEU A N    1 
ATOM 35  C CA   . LEU A 1 5  ? 2.193   -0.699  10.894  1.00 0.00 ? 5  LEU A CA   1 
ATOM 36  C C    . LEU A 1 5  ? 3.493   -0.429  10.134  1.00 0.00 ? 5  LEU A C    1 
ATOM 37  O O    . LEU A 1 5  ? 3.480   -0.111  8.944   1.00 0.00 ? 5  LEU A O    1 
ATOM 38  C CB   . LEU A 1 5  ? 1.444   -1.869  10.265  1.00 0.00 ? 5  LEU A CB   1 
ATOM 39  C CG   . LEU A 1 5  ? 0.233   -2.326  11.077  1.00 0.00 ? 5  LEU A CG   1 
ATOM 40  C CD1  . LEU A 1 5  ? -0.609  -3.297  10.241  1.00 0.00 ? 5  LEU A CD1  1 
ATOM 41  C CD2  . LEU A 1 5  ? 0.629   -2.966  12.405  1.00 0.00 ? 5  LEU A CD2  1 
ATOM 42  H H    . LEU A 1 5  ? 1.208   0.950   10.050  1.00 0.00 ? 5  LEU A H    1 
ATOM 43  N N    . CYS A 1 6  ? 4.615   -0.628  10.826  1.00 0.00 ? 6  CYS A N    1 
ATOM 44  C CA   . CYS A 1 6  ? 5.951   -0.270  10.332  1.00 0.00 ? 6  CYS A CA   1 
ATOM 45  C C    . CYS A 1 6  ? 6.879   -1.465  10.121  1.00 0.00 ? 6  CYS A C    1 
ATOM 46  O O    . CYS A 1 6  ? 6.843   -2.457  10.847  1.00 0.00 ? 6  CYS A O    1 
ATOM 47  C CB   . CYS A 1 6  ? 6.583   0.720   11.302  1.00 0.00 ? 6  CYS A CB   1 
ATOM 48  S SG   . CYS A 1 6  ? 5.668   2.300   11.461  1.00 0.00 ? 6  CYS A SG   1 
ATOM 49  H H    . CYS A 1 6  ? 4.578   -0.942  11.772  1.00 0.00 ? 6  CYS A H    1 
ATOM 50  N N    . GLY A 1 7  ? 7.661   -1.379  9.046   1.00 0.00 ? 7  GLY A N    1 
ATOM 51  C CA   . GLY A 1 7  ? 8.723   -2.335  8.696   1.00 0.00 ? 7  GLY A CA   1 
ATOM 52  C C    . GLY A 1 7  ? 8.174   -3.743  8.429   1.00 0.00 ? 7  GLY A C    1 
ATOM 53  O O    . GLY A 1 7  ? 7.318   -3.945  7.575   1.00 0.00 ? 7  GLY A O    1 
ATOM 54  H H    . GLY A 1 7  ? 7.551   -0.627  8.404   1.00 0.00 ? 7  GLY A H    1 
ATOM 55  N N    . ALA A 1 8  ? 8.640   -4.706  9.225   1.00 0.00 ? 8  ALA A N    1 
ATOM 56  C CA   . ALA A 1 8  ? 8.059   -6.051  9.305   1.00 0.00 ? 8  ALA A CA   1 
ATOM 57  C C    . ALA A 1 8  ? 6.532   -6.089  9.404   1.00 0.00 ? 8  ALA A C    1 
ATOM 58  O O    . ALA A 1 8  ? 5.880   -6.755  8.599   1.00 0.00 ? 8  ALA A O    1 
ATOM 59  C CB   . ALA A 1 8  ? 8.681   -6.806  10.482  1.00 0.00 ? 8  ALA A CB   1 
ATOM 60  H H    . ALA A 1 8  ? 9.545   -4.614  9.651   1.00 0.00 ? 8  ALA A H    1 
ATOM 61  N N    . GLU A 1 9  ? 5.952   -5.221  10.235  1.00 0.00 ? 9  GLU A N    1 
ATOM 62  C CA   . GLU A 1 9  ? 4.505   -5.063  10.359  1.00 0.00 ? 9  GLU A CA   1 
ATOM 63  C C    . GLU A 1 9  ? 3.802   -4.600  9.078   1.00 0.00 ? 9  GLU A C    1 
ATOM 64  O O    . GLU A 1 9  ? 2.730   -5.119  8.729   1.00 0.00 ? 9  GLU A O    1 
ATOM 65  C CB   . GLU A 1 9  ? 4.210   -4.034  11.461  1.00 0.00 ? 9  GLU A CB   1 
ATOM 66  C CG   . GLU A 1 9  ? 4.727   -4.373  12.860  1.00 0.00 ? 9  GLU A CG   1 
ATOM 67  C CD   . GLU A 1 9  ? 4.454   -3.202  13.811  1.00 0.00 ? 9  GLU A CD   1 
ATOM 68  O OE1  . GLU A 1 9  ? 4.742   -2.046  13.415  1.00 0.00 ? 9  GLU A OE1  1 
ATOM 69  O OE2  . GLU A 1 9  ? 3.965   -3.483  14.922  1.00 0.00 ? 9  GLU A OE2  1 
ATOM 70  H H    . GLU A 1 9  ? 6.446   -4.614  10.861  1.00 0.00 ? 9  GLU A H    1 
ATOM 71  N N    . LEU A 1 10 ? 4.519   -3.797  8.305   1.00 0.00 ? 10 LEU A N    1 
ATOM 72  C CA   . LEU A 1 10 ? 4.005   -3.258  7.029   1.00 0.00 ? 10 LEU A CA   1 
ATOM 73  C C    . LEU A 1 10 ? 3.978   -4.320  5.933   1.00 0.00 ? 10 LEU A C    1 
ATOM 74  O O    . LEU A 1 10 ? 2.970   -4.451  5.241   1.00 0.00 ? 10 LEU A O    1 
ATOM 75  C CB   . LEU A 1 10 ? 4.722   -1.946  6.702   1.00 0.00 ? 10 LEU A CB   1 
ATOM 76  C CG   . LEU A 1 10 ? 5.741   -1.914  5.560   1.00 0.00 ? 10 LEU A CG   1 
ATOM 77  C CD1  . LEU A 1 10 ? 5.040   -1.722  4.209   1.00 0.00 ? 10 LEU A CD1  1 
ATOM 78  C CD2  . LEU A 1 10 ? 6.681   -0.727  5.743   1.00 0.00 ? 10 LEU A CD2  1 
ATOM 79  H H    . LEU A 1 10 ? 5.493   -3.666  8.482   1.00 0.00 ? 10 LEU A H    1 
ATOM 80  N N    . VAL A 1 11 ? 4.969   -5.207  5.943   1.00 0.00 ? 11 VAL A N    1 
ATOM 81  C CA   . VAL A 1 11 ? 4.995   -6.427  5.134   1.00 0.00 ? 11 VAL A CA   1 
ATOM 82  C C    . VAL A 1 11 ? 3.844   -7.360  5.515   1.00 0.00 ? 11 VAL A C    1 
ATOM 83  O O    . VAL A 1 11 ? 3.045   -7.738  4.662   1.00 0.00 ? 11 VAL A O    1 
ATOM 84  C CB   . VAL A 1 11 ? 6.358   -7.121  5.252   1.00 0.00 ? 11 VAL A CB   1 
ATOM 85  C CG1  . VAL A 1 11 ? 6.454   -8.388  4.392   1.00 0.00 ? 11 VAL A CG1  1 
ATOM 86  C CG2  . VAL A 1 11 ? 7.507   -6.204  4.853   1.00 0.00 ? 11 VAL A CG2  1 
ATOM 87  H H    . VAL A 1 11 ? 5.799   -5.041  6.485   1.00 0.00 ? 11 VAL A H    1 
ATOM 88  N N    . ASP A 1 12 ? 3.681   -7.596  6.809   1.00 0.00 ? 12 ASP A N    1 
ATOM 89  C CA   . ASP A 1 12 ? 2.567   -8.375  7.372   1.00 0.00 ? 12 ASP A CA   1 
ATOM 90  C C    . ASP A 1 12 ? 1.184   -7.867  6.936   1.00 0.00 ? 12 ASP A C    1 
ATOM 91  O O    . ASP A 1 12 ? 0.328   -8.642  6.532   1.00 0.00 ? 12 ASP A O    1 
ATOM 92  C CB   . ASP A 1 12 ? 2.630   -8.425  8.899   1.00 0.00 ? 12 ASP A CB   1 
ATOM 93  C CG   . ASP A 1 12 ? 3.917   -9.038  9.459   1.00 0.00 ? 12 ASP A CG   1 
ATOM 94  O OD1  . ASP A 1 12 ? 4.419   -10.012 8.855   1.00 0.00 ? 12 ASP A OD1  1 
ATOM 95  O OD2  . ASP A 1 12 ? 4.393   -8.489  10.471  1.00 0.00 ? 12 ASP A OD2  1 
ATOM 96  H H    . ASP A 1 12 ? 4.379   -7.307  7.461   1.00 0.00 ? 12 ASP A H    1 
ATOM 97  N N    . ALA A 1 13 ? 1.022   -6.536  6.965   1.00 0.00 ? 13 ALA A N    1 
ATOM 98  C CA   . ALA A 1 13 ? -0.153  -5.833  6.437   1.00 0.00 ? 13 ALA A CA   1 
ATOM 99  C C    . ALA A 1 13 ? -0.438  -6.158  4.970   1.00 0.00 ? 13 ALA A C    1 
ATOM 100 O O    . ALA A 1 13 ? -1.495  -6.710  4.648   1.00 0.00 ? 13 ALA A O    1 
ATOM 101 C CB   . ALA A 1 13 ? 0.020   -4.325  6.664   1.00 0.00 ? 13 ALA A CB   1 
ATOM 102 H H    . ALA A 1 13 ? 1.669   -5.956  7.461   1.00 0.00 ? 13 ALA A H    1 
ATOM 103 N N    . LEU A 1 14 ? 0.536   -5.882  4.111   1.00 0.00 ? 14 LEU A N    1 
ATOM 104 C CA   . LEU A 1 14 ? 0.564   -6.305  2.698   1.00 0.00 ? 14 LEU A CA   1 
ATOM 105 C C    . LEU A 1 14 ? 0.132   -7.754  2.468   1.00 0.00 ? 14 LEU A C    1 
ATOM 106 O O    . LEU A 1 14 ? -0.863  -7.984  1.773   1.00 0.00 ? 14 LEU A O    1 
ATOM 107 C CB   . LEU A 1 14 ? 1.962   -6.061  2.130   1.00 0.00 ? 14 LEU A CB   1 
ATOM 108 C CG   . LEU A 1 14 ? 2.259   -4.573  1.961   1.00 0.00 ? 14 LEU A CG   1 
ATOM 109 C CD1  . LEU A 1 14 ? 3.765   -4.323  1.928   1.00 0.00 ? 14 LEU A CD1  1 
ATOM 110 C CD2  . LEU A 1 14 ? 1.614   -4.020  0.683   1.00 0.00 ? 14 LEU A CD2  1 
ATOM 111 H H    . LEU A 1 14 ? 1.291   -5.268  4.382   1.00 0.00 ? 14 LEU A H    1 
ATOM 112 N N    . GLN A 1 15 ? 0.733   -8.690  3.193   1.00 0.00 ? 15 GLN A N    1 
ATOM 113 C CA   . GLN A 1 15 ? 0.385   -10.115 3.183   1.00 0.00 ? 15 GLN A CA   1 
ATOM 114 C C    . GLN A 1 15 ? -1.102  -10.410 3.435   1.00 0.00 ? 15 GLN A C    1 
ATOM 115 O O    . GLN A 1 15 ? -1.750  -10.984 2.567   1.00 0.00 ? 15 GLN A O    1 
ATOM 116 C CB   . GLN A 1 15 ? 1.272   -10.825 4.209   1.00 0.00 ? 15 GLN A CB   1 
ATOM 117 C CG   . GLN A 1 15 ? 2.306   -11.760 3.572   1.00 0.00 ? 15 GLN A CG   1 
ATOM 118 C CD   . GLN A 1 15 ? 3.348   -11.061 2.706   1.00 0.00 ? 15 GLN A CD   1 
ATOM 119 O OE1  . GLN A 1 15 ? 3.739   -9.911  2.894   1.00 0.00 ? 15 GLN A OE1  1 
ATOM 120 N NE2  . GLN A 1 15 ? 3.896   -11.786 1.732   1.00 0.00 ? 15 GLN A NE2  1 
ATOM 121 H H    . GLN A 1 15 ? 1.543   -8.503  3.756   1.00 0.00 ? 15 GLN A H    1 
ATOM 122 H HE21 . GLN A 1 15 ? 3.633   -12.746 1.586   1.00 0.00 ? 15 GLN A HE21 1 
ATOM 123 H HE22 . GLN A 1 15 ? 4.577   -11.321 1.171   1.00 0.00 ? 15 GLN A HE22 1 
ATOM 124 N N    . PHE A 1 16 ? -1.662  -9.848  4.506   1.00 0.00 ? 16 PHE A N    1 
ATOM 125 C CA   . PHE A 1 16 ? -3.050  -10.130 4.891   1.00 0.00 ? 16 PHE A CA   1 
ATOM 126 C C    . PHE A 1 16 ? -4.136  -9.601  3.933   1.00 0.00 ? 16 PHE A C    1 
ATOM 127 O O    . PHE A 1 16 ? -5.314  -9.886  4.126   1.00 0.00 ? 16 PHE A O    1 
ATOM 128 C CB   . PHE A 1 16 ? -3.354  -9.808  6.352   1.00 0.00 ? 16 PHE A CB   1 
ATOM 129 C CG   . PHE A 1 16 ? -3.289  -8.355  6.845   1.00 0.00 ? 16 PHE A CG   1 
ATOM 130 C CD1  . PHE A 1 16 ? -4.087  -7.375  6.271   1.00 0.00 ? 16 PHE A CD1  1 
ATOM 131 C CD2  . PHE A 1 16 ? -2.659  -8.140  8.067   1.00 0.00 ? 16 PHE A CD2  1 
ATOM 132 C CE1  . PHE A 1 16 ? -4.277  -6.169  6.938   1.00 0.00 ? 16 PHE A CE1  1 
ATOM 133 C CE2  . PHE A 1 16 ? -2.858  -6.933  8.739   1.00 0.00 ? 16 PHE A CE2  1 
ATOM 134 C CZ   . PHE A 1 16 ? -3.667  -5.962  8.167   1.00 0.00 ? 16 PHE A CZ   1 
ATOM 135 H H    . PHE A 1 16 ? -1.145  -9.253  5.113   1.00 0.00 ? 16 PHE A H    1 
ATOM 136 N N    . VAL A 1 17 ? -3.747  -8.757  2.978   1.00 0.00 ? 17 VAL A N    1 
ATOM 137 C CA   . VAL A 1 17 ? -4.583  -8.450  1.809   1.00 0.00 ? 17 VAL A CA   1 
ATOM 138 C C    . VAL A 1 17 ? -4.065  -9.207  0.590   1.00 0.00 ? 17 VAL A C    1 
ATOM 139 O O    . VAL A 1 17 ? -4.589  -10.256 0.202   1.00 0.00 ? 17 VAL A O    1 
ATOM 140 C CB   . VAL A 1 17 ? -4.640  -6.941  1.552   1.00 0.00 ? 17 VAL A CB   1 
ATOM 141 C CG1  . VAL A 1 17 ? -5.579  -6.569  0.399   1.00 0.00 ? 17 VAL A CG1  1 
ATOM 142 C CG2  . VAL A 1 17 ? -5.045  -6.096  2.766   1.00 0.00 ? 17 VAL A CG2  1 
ATOM 143 H H    . VAL A 1 17 ? -2.923  -8.192  3.085   1.00 0.00 ? 17 VAL A H    1 
ATOM 144 N N    . CYS A 1 18 ? -2.943  -8.746  0.046   1.00 0.00 ? 18 CYS A N    1 
ATOM 145 C CA   . CYS A 1 18 ? -2.467  -9.116  -1.291  1.00 0.00 ? 18 CYS A CA   1 
ATOM 146 C C    . CYS A 1 18 ? -1.602  -10.369 -1.425  1.00 0.00 ? 18 CYS A C    1 
ATOM 147 O O    . CYS A 1 18 ? -1.291  -10.802 -2.528  1.00 0.00 ? 18 CYS A O    1 
ATOM 148 C CB   . CYS A 1 18 ? -1.838  -7.912  -1.998  1.00 0.00 ? 18 CYS A CB   1 
ATOM 149 S SG   . CYS A 1 18 ? -0.710  -6.824  -1.048  1.00 0.00 ? 18 CYS A SG   1 
ATOM 150 H H    . CYS A 1 18 ? -2.317  -8.182  0.586   1.00 0.00 ? 18 CYS A H    1 
ATOM 151 N N    . GLY A 1 19 ? -1.491  -11.051 -0.292  1.00 0.00 ? 19 GLY A N    1 
ATOM 152 C CA   . GLY A 1 19 ? -0.975  -12.425 -0.155  1.00 0.00 ? 19 GLY A CA   1 
ATOM 153 C C    . GLY A 1 19 ? -1.690  -13.435 -1.048  1.00 0.00 ? 19 GLY A C    1 
ATOM 154 O O    . GLY A 1 19 ? -1.113  -14.445 -1.439  1.00 0.00 ? 19 GLY A O    1 
ATOM 155 H H    . GLY A 1 19 ? -1.760  -10.614 0.562   1.00 0.00 ? 19 GLY A H    1 
ATOM 156 N N    . ASP A 1 20 ? -2.993  -13.217 -1.246  1.00 0.00 ? 20 ASP A N    1 
ATOM 157 C CA   . ASP A 1 20 ? -3.732  -13.828 -2.362  1.00 0.00 ? 20 ASP A CA   1 
ATOM 158 C C    . ASP A 1 20 ? -4.003  -12.888 -3.536  1.00 0.00 ? 20 ASP A C    1 
ATOM 159 O O    . ASP A 1 20 ? -3.884  -13.313 -4.680  1.00 0.00 ? 20 ASP A O    1 
ATOM 160 C CB   . ASP A 1 20 ? -5.027  -14.507 -1.870  1.00 0.00 ? 20 ASP A CB   1 
ATOM 161 C CG   . ASP A 1 20 ? -6.093  -13.538 -1.362  1.00 0.00 ? 20 ASP A CG   1 
ATOM 162 O OD1  . ASP A 1 20 ? -5.763  -12.765 -0.440  1.00 0.00 ? 20 ASP A OD1  1 
ATOM 163 O OD2  . ASP A 1 20 ? -7.198  -13.546 -1.943  1.00 0.00 ? 20 ASP A OD2  1 
ATOM 164 H H    . ASP A 1 20 ? -3.532  -12.699 -0.581  1.00 0.00 ? 20 ASP A H    1 
ATOM 165 N N    . ARG A 1 21 ? -4.330  -11.637 -3.254  1.00 0.00 ? 21 ARG A N    1 
ATOM 166 C CA   . ARG A 1 21 ? -4.824  -10.667 -4.243  1.00 0.00 ? 21 ARG A CA   1 
ATOM 167 C C    . ARG A 1 21 ? -3.804  -10.127 -5.251  1.00 0.00 ? 21 ARG A C    1 
ATOM 168 O O    . ARG A 1 21 ? -4.178  -9.401  -6.169  1.00 0.00 ? 21 ARG A O    1 
ATOM 169 C CB   . ARG A 1 21 ? -5.516  -9.549  -3.472  1.00 0.00 ? 21 ARG A CB   1 
ATOM 170 C CG   . ARG A 1 21 ? -6.786  -10.053 -2.782  1.00 0.00 ? 21 ARG A CG   1 
ATOM 171 C CD   . ARG A 1 21 ? -7.297  -9.115  -1.688  1.00 0.00 ? 21 ARG A CD   1 
ATOM 172 N NE   . ARG A 1 21 ? -8.017  -7.948  -2.241  1.00 0.00 ? 21 ARG A NE   1 
ATOM 173 C CZ   . ARG A 1 21 ? -8.740  -7.075  -1.521  1.00 0.00 ? 21 ARG A CZ   1 
ATOM 174 N NH1  . ARG A 1 21 ? -8.828  -7.127  -0.191  1.00 0.00 ? 21 ARG A NH1  1 
ATOM 175 N NH2  . ARG A 1 21 ? -9.582  -6.242  -2.144  1.00 0.00 ? 21 ARG A NH2  1 
ATOM 176 H H    . ARG A 1 21 ? -4.368  -11.259 -2.330  1.00 0.00 ? 21 ARG A H    1 
ATOM 177 H HE   . ARG A 1 21 ? -7.955  -7.843  -3.231  1.00 0.00 ? 21 ARG A HE   1 
ATOM 178 H HH11 . ARG A 1 21 ? -8.350  -7.859  0.298   1.00 0.00 ? 21 ARG A HH11 1 
ATOM 179 H HH12 . ARG A 1 21 ? -9.371  -6.459  0.318   1.00 0.00 ? 21 ARG A HH12 1 
ATOM 180 H HH21 . ARG A 1 21 ? -9.665  -6.258  -3.137  1.00 0.00 ? 21 ARG A HH21 1 
ATOM 181 H HH22 . ARG A 1 21 ? -10.152 -5.631  -1.594  1.00 0.00 ? 21 ARG A HH22 1 
ATOM 182 N N    . GLY A 1 22 ? -2.525  -10.439 -5.041  1.00 0.00 ? 22 GLY A N    1 
ATOM 183 C CA   . GLY A 1 22 ? -1.397  -10.099 -5.928  1.00 0.00 ? 22 GLY A CA   1 
ATOM 184 C C    . GLY A 1 22 ? -0.708  -8.815  -5.463  1.00 0.00 ? 22 GLY A C    1 
ATOM 185 O O    . GLY A 1 22 ? -1.389  -7.895  -4.998  1.00 0.00 ? 22 GLY A O    1 
ATOM 186 H H    . GLY A 1 22 ? -2.235  -10.840 -4.168  1.00 0.00 ? 22 GLY A H    1 
ATOM 187 N N    . PHE A 1 23 ? 0.603   -8.734  -5.626  1.00 0.00 ? 23 PHE A N    1 
ATOM 188 C CA   . PHE A 1 23 ? 1.405   -7.611  -5.112  1.00 0.00 ? 23 PHE A CA   1 
ATOM 189 C C    . PHE A 1 23 ? 1.947   -6.660  -6.177  1.00 0.00 ? 23 PHE A C    1 
ATOM 190 O O    . PHE A 1 23 ? 2.320   -7.067  -7.280  1.00 0.00 ? 23 PHE A O    1 
ATOM 191 C CB   . PHE A 1 23 ? 2.613   -8.095  -4.322  1.00 0.00 ? 23 PHE A CB   1 
ATOM 192 C CG   . PHE A 1 23 ? 2.309   -8.642  -2.926  1.00 0.00 ? 23 PHE A CG   1 
ATOM 193 C CD1  . PHE A 1 23 ? 1.942   -9.972  -2.758  1.00 0.00 ? 23 PHE A CD1  1 
ATOM 194 C CD2  . PHE A 1 23 ? 2.556   -7.810  -1.828  1.00 0.00 ? 23 PHE A CD2  1 
ATOM 195 C CE1  . PHE A 1 23 ? 1.812   -10.484 -1.466  1.00 0.00 ? 23 PHE A CE1  1 
ATOM 196 C CE2  . PHE A 1 23 ? 2.419   -8.328  -0.546  1.00 0.00 ? 23 PHE A CE2  1 
ATOM 197 C CZ   . PHE A 1 23 ? 2.043   -9.657  -0.372  1.00 0.00 ? 23 PHE A CZ   1 
ATOM 198 H H    . PHE A 1 23 ? 1.112   -9.422  -6.148  1.00 0.00 ? 23 PHE A H    1 
ATOM 199 N N    . TYR A 1 24 ? 2.139   -5.424  -5.717  1.00 0.00 ? 24 TYR A N    1 
ATOM 200 C CA   . TYR A 1 24 ? 2.695   -4.278  -6.455  1.00 0.00 ? 24 TYR A CA   1 
ATOM 201 C C    . TYR A 1 24 ? 2.872   -3.112  -5.492  1.00 0.00 ? 24 TYR A C    1 
ATOM 202 O O    . TYR A 1 24 ? 1.903   -2.479  -5.065  1.00 0.00 ? 24 TYR A O    1 
ATOM 203 C CB   . TYR A 1 24 ? 1.753   -3.886  -7.597  1.00 0.00 ? 24 TYR A CB   1 
ATOM 204 C CG   . TYR A 1 24 ? 2.239   -2.781  -8.548  1.00 0.00 ? 24 TYR A CG   1 
ATOM 205 C CD1  . TYR A 1 24 ? 2.085   -1.451  -8.174  1.00 0.00 ? 24 TYR A CD1  1 
ATOM 206 C CD2  . TYR A 1 24 ? 2.562   -3.154  -9.843  1.00 0.00 ? 24 TYR A CD2  1 
ATOM 207 C CE1  . TYR A 1 24 ? 2.227   -0.463  -9.142  1.00 0.00 ? 24 TYR A CE1  1 
ATOM 208 C CE2  . TYR A 1 24 ? 2.697   -2.172  -10.821 1.00 0.00 ? 24 TYR A CE2  1 
ATOM 209 C CZ   . TYR A 1 24 ? 2.511   -0.846  -10.442 1.00 0.00 ? 24 TYR A CZ   1 
ATOM 210 O OH   . TYR A 1 24 ? 2.501   0.109   -11.419 1.00 0.00 ? 24 TYR A OH   1 
ATOM 211 H H    . TYR A 1 24 ? 1.871   -5.237  -4.773  1.00 0.00 ? 24 TYR A H    1 
ATOM 212 H HH   . TYR A 1 24 ? 2.345   0.996   -10.988 1.00 0.00 ? 24 TYR A HH   1 
ATOM 213 N N    . PHE A 1 25 ? 4.130   -2.821  -5.156  1.00 0.00 ? 25 PHE A N    1 
ATOM 214 C CA   . PHE A 1 25 ? 4.468   -1.791  -4.165  1.00 0.00 ? 25 PHE A CA   1 
ATOM 215 C C    . PHE A 1 25 ? 4.509   -0.382  -4.775  1.00 0.00 ? 25 PHE A C    1 
ATOM 216 O O    . PHE A 1 25 ? 5.545   0.151   -5.147  1.00 0.00 ? 25 PHE A O    1 
ATOM 217 C CB   . PHE A 1 25 ? 5.777   -2.122  -3.444  1.00 0.00 ? 25 PHE A CB   1 
ATOM 218 C CG   . PHE A 1 25 ? 5.734   -3.266  -2.430  1.00 0.00 ? 25 PHE A CG   1 
ATOM 219 C CD1  . PHE A 1 25 ? 5.339   -4.545  -2.809  1.00 0.00 ? 25 PHE A CD1  1 
ATOM 220 C CD2  . PHE A 1 25 ? 6.353   -3.060  -1.205  1.00 0.00 ? 25 PHE A CD2  1 
ATOM 221 C CE1  . PHE A 1 25 ? 5.577   -5.622  -1.962  1.00 0.00 ? 25 PHE A CE1  1 
ATOM 222 C CE2  . PHE A 1 25 ? 6.601   -4.128  -0.360  1.00 0.00 ? 25 PHE A CE2  1 
ATOM 223 C CZ   . PHE A 1 25 ? 6.215   -5.408  -0.745  1.00 0.00 ? 25 PHE A CZ   1 
ATOM 224 H H    . PHE A 1 25 ? 4.914   -3.261  -5.600  1.00 0.00 ? 25 PHE A H    1 
ATOM 225 N N    . ASN A 1 26 ? 3.300   0.147   -4.908  1.00 0.00 ? 26 ASN A N    1 
ATOM 226 C CA   . ASN A 1 26 ? 3.041   1.554   -5.261  1.00 0.00 ? 26 ASN A CA   1 
ATOM 227 C C    . ASN A 1 26 ? 3.414   2.472   -4.089  1.00 0.00 ? 26 ASN A C    1 
ATOM 228 O O    . ASN A 1 26 ? 2.729   2.602   -3.079  1.00 0.00 ? 26 ASN A O    1 
ATOM 229 C CB   . ASN A 1 26 ? 1.592   1.738   -5.699  1.00 0.00 ? 26 ASN A CB   1 
ATOM 230 C CG   . ASN A 1 26 ? 1.290   3.141   -6.228  1.00 0.00 ? 26 ASN A CG   1 
ATOM 231 O OD1  . ASN A 1 26 ? 2.043   4.099   -6.081  1.00 0.00 ? 26 ASN A OD1  1 
ATOM 232 N ND2  . ASN A 1 26 ? 0.086   3.319   -6.767  1.00 0.00 ? 26 ASN A ND2  1 
ATOM 233 H H    . ASN A 1 26 ? 2.481   -0.413  -4.804  1.00 0.00 ? 26 ASN A H    1 
ATOM 234 H HD21 . ASN A 1 26 ? -0.561  2.563   -6.815  1.00 0.00 ? 26 ASN A HD21 1 
ATOM 235 H HD22 . ASN A 1 26 ? -0.107  4.226   -7.153  1.00 0.00 ? 26 ASN A HD22 1 
ATOM 236 N N    . LYS A 1 27 ? 4.562   3.108   -4.322  1.00 0.00 ? 27 LYS A N    1 
ATOM 237 C CA   . LYS A 1 27 ? 5.134   4.168   -3.472  1.00 0.00 ? 27 LYS A CA   1 
ATOM 238 C C    . LYS A 1 27 ? 4.345   5.428   -3.830  1.00 0.00 ? 27 LYS A C    1 
ATOM 239 O O    . LYS A 1 27 ? 3.151   5.440   -3.536  1.00 0.00 ? 27 LYS A O    1 
ATOM 240 C CB   . LYS A 1 27 ? 6.646   4.165   -3.718  1.00 0.00 ? 27 LYS A CB   1 
ATOM 241 C CG   . LYS A 1 27 ? 7.315   2.795   -3.623  1.00 0.00 ? 27 LYS A CG   1 
ATOM 242 C CD   . LYS A 1 27 ? 8.706   2.865   -4.251  1.00 0.00 ? 27 LYS A CD   1 
ATOM 243 C CE   . LYS A 1 27 ? 9.127   1.554   -4.916  1.00 0.00 ? 27 LYS A CE   1 
ATOM 244 N NZ   . LYS A 1 27 ? 8.289   1.277   -6.100  1.00 0.00 ? 27 LYS A NZ   1 
ATOM 245 H H    . LYS A 1 27 ? 5.049   2.955   -5.173  1.00 0.00 ? 27 LYS A H    1 
ATOM 246 H HZ1  . LYS A 1 27 ? 8.727   0.547   -6.634  1.00 0.00 ? 27 LYS A HZ1  1 
ATOM 247 H HZ2  . LYS A 1 27 ? 7.427   0.882   -5.773  1.00 0.00 ? 27 LYS A HZ2  1 
ATOM 248 N N    . PRO A 1 28 ? 4.908   6.477   -4.414  1.00 0.00 ? 28 PRO A N    1 
ATOM 249 C CA   . PRO A 1 28 ? 4.137   7.190   -5.446  1.00 0.00 ? 28 PRO A CA   1 
ATOM 250 C C    . PRO A 1 28 ? 4.583   6.796   -6.863  1.00 0.00 ? 28 PRO A C    1 
ATOM 251 O O    . PRO A 1 28 ? 5.006   7.622   -7.671  1.00 0.00 ? 28 PRO A O    1 
ATOM 252 C CB   . PRO A 1 28 ? 4.334   8.665   -5.123  1.00 0.00 ? 28 PRO A CB   1 
ATOM 253 C CG   . PRO A 1 28 ? 5.747   8.711   -4.551  1.00 0.00 ? 28 PRO A CG   1 
ATOM 254 C CD   . PRO A 1 28 ? 5.824   7.418   -3.737  1.00 0.00 ? 28 PRO A CD   1 
ATOM 255 N N    . THR A 1 29 ? 4.388   5.520   -7.175  1.00 0.00 ? 29 THR A N    1 
ATOM 256 C CA   . THR A 1 29 ? 5.074   4.853   -8.294  1.00 0.00 ? 29 THR A CA   1 
ATOM 257 C C    . THR A 1 29 ? 4.255   3.789   -9.009  1.00 0.00 ? 29 THR A C    1 
ATOM 258 O O    . THR A 1 29 ? 3.313   3.199   -8.482  1.00 0.00 ? 29 THR A O    1 
ATOM 259 C CB   . THR A 1 29 ? 6.365   4.168   -7.829  1.00 0.00 ? 29 THR A CB   1 
ATOM 260 O OG1  . THR A 1 29 ? 6.058   3.316   -6.728  1.00 0.00 ? 29 THR A OG1  1 
ATOM 261 C CG2  . THR A 1 29 ? 7.493   5.151   -7.512  1.00 0.00 ? 29 THR A CG2  1 
ATOM 262 H H    . THR A 1 29 ? 3.736   4.931   -6.698  1.00 0.00 ? 29 THR A H    1 
ATOM 263 H HG1  . THR A 1 29 ? 6.840   2.720   -6.601  1.00 0.00 ? 29 THR A HG1  1 
ATOM 264 N N    . GLY A 1 30 ? 4.600   3.662   -10.286 1.00 0.00 ? 30 GLY A N    1 
ATOM 265 C CA   . GLY A 1 30 ? 4.450   2.450   -11.109 1.00 0.00 ? 30 GLY A CA   1 
ATOM 266 C C    . GLY A 1 30 ? 5.579   1.482   -10.744 1.00 0.00 ? 30 GLY A C    1 
ATOM 267 O O    . GLY A 1 30 ? 5.791   1.160   -9.578  1.00 0.00 ? 30 GLY A O    1 
ATOM 268 H H    . GLY A 1 30 ? 5.145   4.381   -10.704 1.00 0.00 ? 30 GLY A H    1 
ATOM 269 N N    . TYR A 1 31 ? 6.302   1.051   -11.784 1.00 0.00 ? 31 TYR A N    1 
ATOM 270 C CA   . TYR A 1 31 ? 7.596   0.376   -11.591 1.00 0.00 ? 31 TYR A CA   1 
ATOM 271 C C    . TYR A 1 31 ? 8.751   0.891   -12.443 1.00 0.00 ? 31 TYR A C    1 
ATOM 272 O O    . TYR A 1 31 ? 8.557   1.435   -13.537 1.00 0.00 ? 31 TYR A O    1 
ATOM 273 C CB   . TYR A 1 31 ? 7.461   -1.147  -11.685 1.00 0.00 ? 31 TYR A CB   1 
ATOM 274 C CG   . TYR A 1 31 ? 7.404   -1.734  -10.270 1.00 0.00 ? 31 TYR A CG   1 
ATOM 275 C CD1  . TYR A 1 31 ? 8.597   -1.817  -9.558  1.00 0.00 ? 31 TYR A CD1  1 
ATOM 276 C CD2  . TYR A 1 31 ? 6.160   -1.930  -9.674  1.00 0.00 ? 31 TYR A CD2  1 
ATOM 277 C CE1  . TYR A 1 31 ? 8.542   -2.049  -8.190  1.00 0.00 ? 31 TYR A CE1  1 
ATOM 278 C CE2  . TYR A 1 31 ? 6.105   -2.162  -8.305  1.00 0.00 ? 31 TYR A CE2  1 
ATOM 279 C CZ   . TYR A 1 31 ? 7.299   -2.208  -7.578  1.00 0.00 ? 31 TYR A CZ   1 
ATOM 280 O OH   . TYR A 1 31 ? 7.249   -2.421  -6.242  1.00 0.00 ? 31 TYR A OH   1 
ATOM 281 H H    . TYR A 1 31 ? 5.975   1.128   -12.725 1.00 0.00 ? 31 TYR A H    1 
ATOM 282 H HH   . TYR A 1 31 ? 8.173   -2.417  -5.865  1.00 0.00 ? 31 TYR A HH   1 
ATOM 283 N N    . GLY A 1 32 ? 9.932   0.797   -11.841 1.00 0.00 ? 32 GLY A N    1 
ATOM 284 C CA   . GLY A 1 32 ? 11.199  1.255   -12.437 1.00 0.00 ? 32 GLY A CA   1 
ATOM 285 C C    . GLY A 1 32 ? 11.408  2.747   -12.226 1.00 0.00 ? 32 GLY A C    1 
ATOM 286 O O    . GLY A 1 32 ? 11.278  3.258   -11.113 1.00 0.00 ? 32 GLY A O    1 
ATOM 287 H H    . GLY A 1 32 ? 10.019  0.463   -10.903 1.00 0.00 ? 32 GLY A H    1 
ATOM 288 N N    . SER A 1 33 ? 11.686  3.437   -13.331 1.00 0.00 ? 33 SER A N    1 
ATOM 289 C CA   . SER A 1 33 ? 11.882  4.896   -13.376 1.00 0.00 ? 33 SER A CA   1 
ATOM 290 C C    . SER A 1 33 ? 10.543  5.646   -13.371 1.00 0.00 ? 33 SER A C    1 
ATOM 291 O O    . SER A 1 33 ? 10.022  6.123   -14.371 1.00 0.00 ? 33 SER A O    1 
ATOM 292 C CB   . SER A 1 33 ? 12.743  5.266   -14.588 1.00 0.00 ? 33 SER A CB   1 
ATOM 293 O OG   . SER A 1 33 ? 12.327  4.498   -15.718 1.00 0.00 ? 33 SER A OG   1 
ATOM 294 H H    . SER A 1 33 ? 11.736  3.017   -14.231 1.00 0.00 ? 33 SER A H    1 
ATOM 295 H HG   . SER A 1 33 ? 12.462  5.053   -16.545 1.00 0.00 ? 33 SER A HG   1 
ATOM 296 N N    . SER A 1 34 ? 10.009  5.712   -12.156 1.00 0.00 ? 34 SER A N    1 
ATOM 297 C CA   . SER A 1 34 ? 8.647   6.188   -11.871 1.00 0.00 ? 34 SER A CA   1 
ATOM 298 C C    . SER A 1 34 ? 8.646   7.288   -10.804 1.00 0.00 ? 34 SER A C    1 
ATOM 299 O O    . SER A 1 34 ? 9.175   7.113   -9.703  1.00 0.00 ? 34 SER A O    1 
ATOM 300 C CB   . SER A 1 34 ? 7.779   5.007   -11.445 1.00 0.00 ? 34 SER A CB   1 
ATOM 301 O OG   . SER A 1 34 ? 6.437   5.440   -11.253 1.00 0.00 ? 34 SER A OG   1 
ATOM 302 H H    . SER A 1 34 ? 10.488  5.335   -11.363 1.00 0.00 ? 34 SER A H    1 
ATOM 303 H HG   . SER A 1 34 ? 6.176   6.012   -12.031 1.00 0.00 ? 34 SER A HG   1 
ATOM 304 N N    . SER A 1 35 ? 8.063   8.423   -11.179 1.00 0.00 ? 35 SER A N    1 
ATOM 305 C CA   . SER A 1 35 ? 8.210   9.691   -10.441 1.00 0.00 ? 35 SER A CA   1 
ATOM 306 C C    . SER A 1 35 ? 6.888   10.287  -9.927  1.00 0.00 ? 35 SER A C    1 
ATOM 307 O O    . SER A 1 35 ? 6.009   10.649  -10.709 1.00 0.00 ? 35 SER A O    1 
ATOM 308 C CB   . SER A 1 35 ? 8.935   10.721  -11.308 1.00 0.00 ? 35 SER A CB   1 
ATOM 309 O OG   . SER A 1 35 ? 8.289   10.846  -12.583 1.00 0.00 ? 35 SER A OG   1 
ATOM 310 H H    . SER A 1 35 ? 7.570   8.502   -12.044 1.00 0.00 ? 35 SER A H    1 
ATOM 311 H HG   . SER A 1 35 ? 8.492   11.743  -12.966 1.00 0.00 ? 35 SER A HG   1 
ATOM 312 N N    . ARG A 1 36 ? 6.744   10.221  -8.608  1.00 0.00 ? 36 ARG A N    1 
ATOM 313 C CA   . ARG A 1 36 ? 5.875   11.081  -7.779  1.00 0.00 ? 36 ARG A CA   1 
ATOM 314 C C    . ARG A 1 36 ? 4.381   11.045  -8.073  1.00 0.00 ? 36 ARG A C    1 
ATOM 315 O O    . ARG A 1 36 ? 3.571   11.643  -7.358  1.00 0.00 ? 36 ARG A O    1 
ATOM 316 C CB   . ARG A 1 36 ? 6.466   12.492  -7.798  1.00 0.00 ? 36 ARG A CB   1 
ATOM 317 C CG   . ARG A 1 36 ? 5.941   13.523  -6.793  1.00 0.00 ? 36 ARG A CG   1 
ATOM 318 C CD   . ARG A 1 36 ? 6.127   13.136  -5.327  1.00 0.00 ? 36 ARG A CD   1 
ATOM 319 N NE   . ARG A 1 36 ? 4.901   12.490  -4.825  1.00 0.00 ? 36 ARG A NE   1 
ATOM 320 C CZ   . ARG A 1 36 ? 4.704   11.954  -3.616  1.00 0.00 ? 36 ARG A CZ   1 
ATOM 321 N NH1  . ARG A 1 36 ? 5.669   11.881  -2.686  1.00 0.00 ? 36 ARG A NH1  1 
ATOM 322 N NH2  . ARG A 1 36 ? 3.508   11.455  -3.293  1.00 0.00 ? 36 ARG A NH2  1 
ATOM 323 H H    . ARG A 1 36 ? 7.245   9.528   -8.090  1.00 0.00 ? 36 ARG A H    1 
ATOM 324 H HE   . ARG A 1 36 ? 4.158   12.429  -5.486  1.00 0.00 ? 36 ARG A HE   1 
ATOM 325 H HH11 . ARG A 1 36 ? 6.566   12.282  -2.869  1.00 0.00 ? 36 ARG A HH11 1 
ATOM 326 H HH12 . ARG A 1 36 ? 5.471   11.446  -1.805  1.00 0.00 ? 36 ARG A HH12 1 
ATOM 327 H HH21 . ARG A 1 36 ? 2.745   11.482  -3.941  1.00 0.00 ? 36 ARG A HH21 1 
ATOM 328 H HH22 . ARG A 1 36 ? 3.375   11.050  -2.389  1.00 0.00 ? 36 ARG A HH22 1 
ATOM 329 N N    . ARG A 1 37 ? 3.947   10.007  -8.786  1.00 0.00 ? 37 ARG A N    1 
ATOM 330 C CA   . ARG A 1 37 ? 2.699   10.003  -9.552  1.00 0.00 ? 37 ARG A CA   1 
ATOM 331 C C    . ARG A 1 37 ? 1.488   9.354   -8.861  1.00 0.00 ? 37 ARG A C    1 
ATOM 332 O O    . ARG A 1 37 ? 0.576   8.829   -9.498  1.00 0.00 ? 37 ARG A O    1 
ATOM 333 C CB   . ARG A 1 37 ? 2.959   9.402   -10.933 1.00 0.00 ? 37 ARG A CB   1 
ATOM 334 C CG   . ARG A 1 37 ? 3.493   7.969   -10.908 1.00 0.00 ? 37 ARG A CG   1 
ATOM 335 C CD   . ARG A 1 37 ? 3.858   7.474   -12.307 1.00 0.00 ? 37 ARG A CD   1 
ATOM 336 N NE   . ARG A 1 37 ? 5.030   8.211   -12.812 1.00 0.00 ? 37 ARG A NE   1 
ATOM 337 C CZ   . ARG A 1 37 ? 5.977   7.721   -13.625 1.00 0.00 ? 37 ARG A CZ   1 
ATOM 338 N NH1  . ARG A 1 37 ? 5.797   6.590   -14.321 1.00 0.00 ? 37 ARG A NH1  1 
ATOM 339 N NH2  . ARG A 1 37 ? 7.018   8.480   -13.966 1.00 0.00 ? 37 ARG A NH2  1 
ATOM 340 H H    . ARG A 1 37 ? 4.460   9.146   -8.798  1.00 0.00 ? 37 ARG A H    1 
ATOM 341 H HE   . ARG A 1 37 ? 5.074   9.174   -12.543 1.00 0.00 ? 37 ARG A HE   1 
ATOM 342 H HH11 . ARG A 1 37 ? 4.894   6.168   -14.368 1.00 0.00 ? 37 ARG A HH11 1 
ATOM 343 H HH12 . ARG A 1 37 ? 6.536   6.253   -14.905 1.00 0.00 ? 37 ARG A HH12 1 
ATOM 344 H HH21 . ARG A 1 37 ? 7.077   9.433   -13.673 1.00 0.00 ? 37 ARG A HH21 1 
ATOM 345 H HH22 . ARG A 1 37 ? 7.727   8.104   -14.572 1.00 0.00 ? 37 ARG A HH22 1 
ATOM 346 N N    . ALA A 1 38 ? 1.458   9.481   -7.539  1.00 0.00 ? 38 ALA A N    1 
ATOM 347 C CA   . ALA A 1 38 ? 0.319   9.044   -6.712  1.00 0.00 ? 38 ALA A CA   1 
ATOM 348 C C    . ALA A 1 38 ? 0.073   9.987   -5.540  1.00 0.00 ? 38 ALA A C    1 
ATOM 349 O O    . ALA A 1 38 ? 0.903   10.065  -4.637  1.00 0.00 ? 38 ALA A O    1 
ATOM 350 C CB   . ALA A 1 38 ? 0.498   7.603   -6.237  1.00 0.00 ? 38 ALA A CB   1 
ATOM 351 H H    . ALA A 1 38 ? 2.195   9.956   -7.056  1.00 0.00 ? 38 ALA A H    1 
ATOM 352 N N    . PRO A 1 39 ? -1.068  10.674  -5.534  1.00 0.00 ? 39 PRO A N    1 
ATOM 353 C CA   . PRO A 1 39 ? -1.608  11.346  -4.338  1.00 0.00 ? 39 PRO A CA   1 
ATOM 354 C C    . PRO A 1 39 ? -1.764  10.423  -3.122  1.00 0.00 ? 39 PRO A C    1 
ATOM 355 O O    . PRO A 1 39 ? -1.836  10.891  -1.988  1.00 0.00 ? 39 PRO A O    1 
ATOM 356 C CB   . PRO A 1 39 ? -2.970  11.894  -4.783  1.00 0.00 ? 39 PRO A CB   1 
ATOM 357 C CG   . PRO A 1 39 ? -2.744  12.187  -6.266  1.00 0.00 ? 39 PRO A CG   1 
ATOM 358 C CD   . PRO A 1 39 ? -1.854  11.027  -6.725  1.00 0.00 ? 39 PRO A CD   1 
ATOM 359 N N    . GLN A 1 40 ? -1.893  9.127   -3.384  1.00 0.00 ? 40 GLN A N    1 
ATOM 360 C CA   . GLN A 1 40 ? -1.698  8.045   -2.400  1.00 0.00 ? 40 GLN A CA   1 
ATOM 361 C C    . GLN A 1 40 ? -0.456  8.156   -1.509  1.00 0.00 ? 40 GLN A C    1 
ATOM 362 O O    . GLN A 1 40 ? -0.451  7.647   -0.397  1.00 0.00 ? 40 GLN A O    1 
ATOM 363 C CB   . GLN A 1 40 ? -1.770  6.764   -3.239  1.00 0.00 ? 40 GLN A CB   1 
ATOM 364 C CG   . GLN A 1 40 ? -1.678  5.460   -2.439  1.00 0.00 ? 40 GLN A CG   1 
ATOM 365 C CD   . GLN A 1 40 ? -0.250  4.928   -2.428  1.00 0.00 ? 40 GLN A CD   1 
ATOM 366 O OE1  . GLN A 1 40 ? 0.582   5.243   -1.573  1.00 0.00 ? 40 GLN A OE1  1 
ATOM 367 N NE2  . GLN A 1 40 ? 0.065   4.070   -3.393  1.00 0.00 ? 40 GLN A NE2  1 
ATOM 368 H H    . GLN A 1 40 ? -2.285  8.813   -4.243  1.00 0.00 ? 40 GLN A H    1 
ATOM 369 H HE21 . GLN A 1 40 ? -0.599  3.711   -4.057  1.00 0.00 ? 40 GLN A HE21 1 
ATOM 370 H HE22 . GLN A 1 40 ? 1.015   3.754   -3.396  1.00 0.00 ? 40 GLN A HE22 1 
ATOM 371 N N    . THR A 1 41 ? 0.619   8.741   -2.032  1.00 0.00 ? 41 THR A N    1 
ATOM 372 C CA   . THR A 1 41 ? 1.823   9.240   -1.347  1.00 0.00 ? 41 THR A CA   1 
ATOM 373 C C    . THR A 1 41 ? 3.053   8.345   -1.187  1.00 0.00 ? 41 THR A C    1 
ATOM 374 O O    . THR A 1 41 ? 4.181   8.826   -1.226  1.00 0.00 ? 41 THR A O    1 
ATOM 375 C CB   . THR A 1 41 ? 1.682   9.957   -0.001  1.00 0.00 ? 41 THR A CB   1 
ATOM 376 O OG1  . THR A 1 41 ? 1.361   9.072   1.083   1.00 0.00 ? 41 THR A OG1  1 
ATOM 377 C CG2  . THR A 1 41 ? 0.730   11.155  -0.049  1.00 0.00 ? 41 THR A CG2  1 
ATOM 378 H H    . THR A 1 41 ? 0.637   8.952   -3.012  1.00 0.00 ? 41 THR A H    1 
ATOM 379 H HG1  . THR A 1 41 ? 0.492   8.633   0.870   1.00 0.00 ? 41 THR A HG1  1 
ATOM 380 N N    . GLY A 1 42 ? 2.785   7.072   -0.891  1.00 0.00 ? 42 GLY A N    1 
ATOM 381 C CA   . GLY A 1 42 ? 3.844   6.100   -0.560  1.00 0.00 ? 42 GLY A CA   1 
ATOM 382 C C    . GLY A 1 42 ? 3.344   4.977   0.353   1.00 0.00 ? 42 GLY A C    1 
ATOM 383 O O    . GLY A 1 42 ? 2.821   5.227   1.430   1.00 0.00 ? 42 GLY A O    1 
ATOM 384 H H    . GLY A 1 42 ? 1.856   6.719   -0.968  1.00 0.00 ? 42 GLY A H    1 
ATOM 385 N N    . ILE A 1 43 ? 3.453   3.750   -0.160  1.00 0.00 ? 43 ILE A N    1 
ATOM 386 C CA   . ILE A 1 43 ? 3.585   2.523   0.637   1.00 0.00 ? 43 ILE A CA   1 
ATOM 387 C C    . ILE A 1 43 ? 3.988   2.699   2.104   1.00 0.00 ? 43 ILE A C    1 
ATOM 388 O O    . ILE A 1 43 ? 3.162   2.503   2.996   1.00 0.00 ? 43 ILE A O    1 
ATOM 389 C CB   . ILE A 1 43 ? 4.377   1.513   -0.197  1.00 0.00 ? 43 ILE A CB   1 
ATOM 390 C CG1  . ILE A 1 43 ? 3.509   0.287   -0.466  1.00 0.00 ? 43 ILE A CG1  1 
ATOM 391 C CG2  . ILE A 1 43 ? 5.798   1.138   0.224   1.00 0.00 ? 43 ILE A CG2  1 
ATOM 392 C CD1  . ILE A 1 43 ? 3.074   -0.512  0.762   1.00 0.00 ? 43 ILE A CD1  1 
ATOM 393 H H    . ILE A 1 43 ? 3.137   3.586   -1.088  1.00 0.00 ? 43 ILE A H    1 
ATOM 394 N N    . VAL A 1 44 ? 5.163   3.278   2.329   1.00 0.00 ? 44 VAL A N    1 
ATOM 395 C CA   . VAL A 1 44 ? 5.699   3.514   3.679   1.00 0.00 ? 44 VAL A CA   1 
ATOM 396 C C    . VAL A 1 44 ? 4.973   4.657   4.394   1.00 0.00 ? 44 VAL A C    1 
ATOM 397 O O    . VAL A 1 44 ? 4.413   4.467   5.475   1.00 0.00 ? 44 VAL A O    1 
ATOM 398 C CB   . VAL A 1 44 ? 7.216   3.751   3.647   1.00 0.00 ? 44 VAL A CB   1 
ATOM 399 C CG1  . VAL A 1 44 ? 7.806   3.788   5.053   1.00 0.00 ? 44 VAL A CG1  1 
ATOM 400 C CG2  . VAL A 1 44 ? 7.943   2.646   2.873   1.00 0.00 ? 44 VAL A CG2  1 
ATOM 401 H H    . VAL A 1 44 ? 5.791   3.478   1.572   1.00 0.00 ? 44 VAL A H    1 
ATOM 402 N N    . ASP A 1 45 ? 4.840   5.736   3.633   1.00 0.00 ? 45 ASP A N    1 
ATOM 403 C CA   . ASP A 1 45 ? 4.187   7.002   4.020   1.00 0.00 ? 45 ASP A CA   1 
ATOM 404 C C    . ASP A 1 45 ? 2.787   6.771   4.620   1.00 0.00 ? 45 ASP A C    1 
ATOM 405 O O    . ASP A 1 45 ? 2.480   7.274   5.701   1.00 0.00 ? 45 ASP A O    1 
ATOM 406 C CB   . ASP A 1 45 ? 4.071   7.938   2.825   1.00 0.00 ? 45 ASP A CB   1 
ATOM 407 C CG   . ASP A 1 45 ? 5.407   8.260   2.152   1.00 0.00 ? 45 ASP A CG   1 
ATOM 408 O OD1  . ASP A 1 45 ? 5.969   7.325   1.542   1.00 0.00 ? 45 ASP A OD1  1 
ATOM 409 O OD2  . ASP A 1 45 ? 5.896   9.399   2.364   1.00 0.00 ? 45 ASP A OD2  1 
ATOM 410 H H    . ASP A 1 45 ? 5.206   5.699   2.708   1.00 0.00 ? 45 ASP A H    1 
ATOM 411 N N    . GLU A 1 46 ? 2.008   5.945   3.935   1.00 0.00 ? 46 GLU A N    1 
ATOM 412 C CA   . GLU A 1 46 ? 0.727   5.395   4.412   1.00 0.00 ? 46 GLU A CA   1 
ATOM 413 C C    . GLU A 1 46 ? 0.885   4.388   5.551   1.00 0.00 ? 46 GLU A C    1 
ATOM 414 O O    . GLU A 1 46 ? 0.804   4.791   6.700   1.00 0.00 ? 46 GLU A O    1 
ATOM 415 C CB   . GLU A 1 46 ? -0.076  4.814   3.249   1.00 0.00 ? 46 GLU A CB   1 
ATOM 416 C CG   . GLU A 1 46 ? -0.574  5.854   2.243   1.00 0.00 ? 46 GLU A CG   1 
ATOM 417 C CD   . GLU A 1 46 ? -1.562  6.892   2.772   1.00 0.00 ? 46 GLU A CD   1 
ATOM 418 O OE1  . GLU A 1 46 ? -2.179  6.655   3.843   1.00 0.00 ? 46 GLU A OE1  1 
ATOM 419 O OE2  . GLU A 1 46 ? -1.751  7.890   2.047   1.00 0.00 ? 46 GLU A OE2  1 
ATOM 420 H H    . GLU A 1 46 ? 2.250   5.678   2.997   1.00 0.00 ? 46 GLU A H    1 
ATOM 421 N N    . CYS A 1 47 ? 1.339   3.171   5.256   1.00 0.00 ? 47 CYS A N    1 
ATOM 422 C CA   . CYS A 1 47 ? 1.234   2.044   6.190   1.00 0.00 ? 47 CYS A CA   1 
ATOM 423 C C    . CYS A 1 47 ? 1.873   2.310   7.567   1.00 0.00 ? 47 CYS A C    1 
ATOM 424 O O    . CYS A 1 47 ? 1.245   2.058   8.588   1.00 0.00 ? 47 CYS A O    1 
ATOM 425 C CB   . CYS A 1 47 ? 1.790   0.751   5.602   1.00 0.00 ? 47 CYS A CB   1 
ATOM 426 S SG   . CYS A 1 47 ? 1.413   -0.753  6.574   1.00 0.00 ? 47 CYS A SG   1 
ATOM 427 H H    . CYS A 1 47 ? 1.783   2.960   4.383   1.00 0.00 ? 47 CYS A H    1 
ATOM 428 N N    . CYS A 1 48 ? 3.049   2.941   7.563   1.00 0.00 ? 48 CYS A N    1 
ATOM 429 C CA   . CYS A 1 48 ? 3.790   3.229   8.799   1.00 0.00 ? 48 CYS A CA   1 
ATOM 430 C C    . CYS A 1 48 ? 3.356   4.500   9.542   1.00 0.00 ? 48 CYS A C    1 
ATOM 431 O O    . CYS A 1 48 ? 3.535   4.549   10.753  1.00 0.00 ? 48 CYS A O    1 
ATOM 432 C CB   . CYS A 1 48 ? 5.297   3.163   8.516   1.00 0.00 ? 48 CYS A CB   1 
ATOM 433 S SG   . CYS A 1 48 ? 6.378   3.486   9.960   1.00 0.00 ? 48 CYS A SG   1 
ATOM 434 H H    . CYS A 1 48 ? 3.459   3.285   6.727   1.00 0.00 ? 48 CYS A H    1 
ATOM 435 N N    . PHE A 1 49 ? 2.730   5.462   8.867   1.00 0.00 ? 49 PHE A N    1 
ATOM 436 C CA   . PHE A 1 49 ? 2.414   6.760   9.475   1.00 0.00 ? 49 PHE A CA   1 
ATOM 437 C C    . PHE A 1 49 ? 0.921   7.064   9.579   1.00 0.00 ? 49 PHE A C    1 
ATOM 438 O O    . PHE A 1 49 ? 0.524   7.842   10.447  1.00 0.00 ? 49 PHE A O    1 
ATOM 439 C CB   . PHE A 1 49 ? 3.169   7.835   8.685   1.00 0.00 ? 49 PHE A CB   1 
ATOM 440 C CG   . PHE A 1 49 ? 4.681   7.671   8.756   1.00 0.00 ? 49 PHE A CG   1 
ATOM 441 C CD1  . PHE A 1 49 ? 5.367   7.944   9.945   1.00 0.00 ? 49 PHE A CD1  1 
ATOM 442 C CD2  . PHE A 1 49 ? 5.357   7.150   7.656   1.00 0.00 ? 49 PHE A CD2  1 
ATOM 443 C CE1  . PHE A 1 49 ? 6.725   7.666   10.034  1.00 0.00 ? 49 PHE A CE1  1 
ATOM 444 C CE2  . PHE A 1 49 ? 6.716   6.872   7.746   1.00 0.00 ? 49 PHE A CE2  1 
ATOM 445 C CZ   . PHE A 1 49 ? 7.387   7.127   8.934   1.00 0.00 ? 49 PHE A CZ   1 
ATOM 446 H H    . PHE A 1 49 ? 2.537   5.461   7.885   1.00 0.00 ? 49 PHE A H    1 
ATOM 447 N N    . ARG A 1 50 ? 0.103   6.399   8.775   1.00 0.00 ? 50 ARG A N    1 
ATOM 448 C CA   . ARG A 1 50 ? -1.322  6.669   8.548   1.00 0.00 ? 50 ARG A CA   1 
ATOM 449 C C    . ARG A 1 50 ? -2.129  5.403   8.249   1.00 0.00 ? 50 ARG A C    1 
ATOM 450 O O    . ARG A 1 50 ? -2.512  4.711   9.192   1.00 0.00 ? 50 ARG A O    1 
ATOM 451 C CB   . ARG A 1 50 ? -1.510  7.733   7.465   1.00 0.00 ? 50 ARG A CB   1 
ATOM 452 C CG   . ARG A 1 50 ? -1.205  9.147   7.945   1.00 0.00 ? 50 ARG A CG   1 
ATOM 453 C CD   . ARG A 1 50 ? -1.120  10.140  6.777   1.00 0.00 ? 50 ARG A CD   1 
ATOM 454 N NE   . ARG A 1 50 ? 0.058   9.819   5.947   1.00 0.00 ? 50 ARG A NE   1 
ATOM 455 C CZ   . ARG A 1 50 ? 0.117   9.870   4.609   1.00 0.00 ? 50 ARG A CZ   1 
ATOM 456 N NH1  . ARG A 1 50 ? -0.923  10.208  3.840   1.00 0.00 ? 50 ARG A NH1  1 
ATOM 457 N NH2  . ARG A 1 50 ? 1.299   9.634   4.013   1.00 0.00 ? 50 ARG A NH2  1 
ATOM 458 H H    . ARG A 1 50 ? 0.417   5.579   8.302   1.00 0.00 ? 50 ARG A H    1 
ATOM 459 H HE   . ARG A 1 50 ? 0.859   9.483   6.437   1.00 0.00 ? 50 ARG A HE   1 
ATOM 460 H HH11 . ARG A 1 50 ? -1.797  10.430  4.268   1.00 0.00 ? 50 ARG A HH11 1 
ATOM 461 H HH12 . ARG A 1 50 ? -0.826  10.231  2.842   1.00 0.00 ? 50 ARG A HH12 1 
ATOM 462 H HH21 . ARG A 1 50 ? 2.100   9.438   4.577   1.00 0.00 ? 50 ARG A HH21 1 
ATOM 463 H HH22 . ARG A 1 50 ? 1.363   9.653   3.020   1.00 0.00 ? 50 ARG A HH22 1 
ATOM 464 N N    . SER A 1 51 ? -2.337  5.057   6.977   1.00 0.00 ? 51 SER A N    1 
ATOM 465 C CA   . SER A 1 51 ? -3.306  4.038   6.560   1.00 0.00 ? 51 SER A CA   1 
ATOM 466 C C    . SER A 1 51 ? -2.628  2.725   6.163   1.00 0.00 ? 51 SER A C    1 
ATOM 467 O O    . SER A 1 51 ? -1.964  2.682   5.128   1.00 0.00 ? 51 SER A O    1 
ATOM 468 C CB   . SER A 1 51 ? -4.091  4.518   5.335   1.00 0.00 ? 51 SER A CB   1 
ATOM 469 O OG   . SER A 1 51 ? -4.627  5.818   5.603   1.00 0.00 ? 51 SER A OG   1 
ATOM 470 H H    . SER A 1 51 ? -2.105  5.681   6.234   1.00 0.00 ? 51 SER A H    1 
ATOM 471 H HG   . SER A 1 51 ? -5.278  6.051   4.877   1.00 0.00 ? 51 SER A HG   1 
ATOM 472 N N    . CYS A 1 52 ? -2.722  1.665   6.957   1.00 0.00 ? 52 CYS A N    1 
ATOM 473 C CA   . CYS A 1 52 ? -2.840  0.311   6.389   1.00 0.00 ? 52 CYS A CA   1 
ATOM 474 C C    . CYS A 1 52 ? -3.776  -0.658  7.123   1.00 0.00 ? 52 CYS A C    1 
ATOM 475 O O    . CYS A 1 52 ? -3.732  -0.760  8.350   1.00 0.00 ? 52 CYS A O    1 
ATOM 476 C CB   . CYS A 1 52 ? -1.513  -0.407  6.119   1.00 0.00 ? 52 CYS A CB   1 
ATOM 477 S SG   . CYS A 1 52 ? -0.348  -0.364  7.527   1.00 0.00 ? 52 CYS A SG   1 
ATOM 478 H H    . CYS A 1 52 ? -2.349  1.631   7.889   1.00 0.00 ? 52 CYS A H    1 
ATOM 479 N N    . ASP A 1 53 ? -4.371  -1.545  6.324   1.00 0.00 ? 53 ASP A N    1 
ATOM 480 C CA   . ASP A 1 53 ? -5.398  -2.520  6.699   1.00 0.00 ? 53 ASP A CA   1 
ATOM 481 C C    . ASP A 1 53 ? -6.022  -3.135  5.449   1.00 0.00 ? 53 ASP A C    1 
ATOM 482 O O    . ASP A 1 53 ? -5.794  -2.648  4.349   1.00 0.00 ? 53 ASP A O    1 
ATOM 483 C CB   . ASP A 1 53 ? -6.501  -1.985  7.615   1.00 0.00 ? 53 ASP A CB   1 
ATOM 484 C CG   . ASP A 1 53 ? -7.274  -0.801  7.014   1.00 0.00 ? 53 ASP A CG   1 
ATOM 485 O OD1  . ASP A 1 53 ? -8.184  -1.097  6.202   1.00 0.00 ? 53 ASP A OD1  1 
ATOM 486 O OD2  . ASP A 1 53 ? -6.883  0.350   7.278   1.00 0.00 ? 53 ASP A OD2  1 
ATOM 487 H H    . ASP A 1 53 ? -3.964  -1.717  5.427   1.00 0.00 ? 53 ASP A H    1 
ATOM 488 N N    . LEU A 1 54 ? -7.031  -3.986  5.666   1.00 0.00 ? 54 LEU A N    1 
ATOM 489 C CA   . LEU A 1 54 ? -7.763  -4.702  4.614   1.00 0.00 ? 54 LEU A CA   1 
ATOM 490 C C    . LEU A 1 54 ? -8.275  -3.850  3.447   1.00 0.00 ? 54 LEU A C    1 
ATOM 491 O O    . LEU A 1 54 ? -8.091  -4.201  2.284   1.00 0.00 ? 54 LEU A O    1 
ATOM 492 C CB   . LEU A 1 54 ? -8.870  -5.592  5.186   1.00 0.00 ? 54 LEU A CB   1 
ATOM 493 C CG   . LEU A 1 54 ? -9.941  -4.877  5.998   1.00 0.00 ? 54 LEU A CG   1 
ATOM 494 C CD1  . LEU A 1 54 ? -11.274 -5.610  5.865   1.00 0.00 ? 54 LEU A CD1  1 
ATOM 495 C CD2  . LEU A 1 54 ? -9.551  -4.719  7.466   1.00 0.00 ? 54 LEU A CD2  1 
ATOM 496 H H    . LEU A 1 54 ? -7.322  -4.156  6.606   1.00 0.00 ? 54 LEU A H    1 
ATOM 497 N N    . ARG A 1 55 ? -8.827  -2.682  3.780   1.00 0.00 ? 55 ARG A N    1 
ATOM 498 C CA   . ARG A 1 55 ? -9.272  -1.659  2.823   1.00 0.00 ? 55 ARG A CA   1 
ATOM 499 C C    . ARG A 1 55 ? -8.147  -0.702  2.419   1.00 0.00 ? 55 ARG A C    1 
ATOM 500 O O    . ARG A 1 55 ? -7.751  -0.670  1.255   1.00 0.00 ? 55 ARG A O    1 
ATOM 501 C CB   . ARG A 1 55 ? -10.407 -0.921  3.535   1.00 0.00 ? 55 ARG A CB   1 
ATOM 502 C CG   . ARG A 1 55 ? -11.312 -0.123  2.597   1.00 0.00 ? 55 ARG A CG   1 
ATOM 503 C CD   . ARG A 1 55 ? -12.760 -0.622  2.698   1.00 0.00 ? 55 ARG A CD   1 
ATOM 504 N NE   . ARG A 1 55 ? -12.862 -2.009  2.231   1.00 0.00 ? 55 ARG A NE   1 
ATOM 505 C CZ   . ARG A 1 55 ? -13.071 -3.101  2.981   1.00 0.00 ? 55 ARG A CZ   1 
ATOM 506 N NH1  . ARG A 1 55 ? -13.274 -3.045  4.303   1.00 0.00 ? 55 ARG A NH1  1 
ATOM 507 N NH2  . ARG A 1 55 ? -12.928 -4.314  2.428   1.00 0.00 ? 55 ARG A NH2  1 
ATOM 508 H H    . ARG A 1 55 ? -9.038  -2.470  4.737   1.00 0.00 ? 55 ARG A H    1 
ATOM 509 H HE   . ARG A 1 55 ? -12.747 -2.133  1.245   1.00 0.00 ? 55 ARG A HE   1 
ATOM 510 H HH11 . ARG A 1 55 ? -13.295 -2.147  4.757   1.00 0.00 ? 55 ARG A HH11 1 
ATOM 511 H HH12 . ARG A 1 55 ? -13.432 -3.883  4.820   1.00 0.00 ? 55 ARG A HH12 1 
ATOM 512 H HH21 . ARG A 1 55 ? -12.645 -4.395  1.472   1.00 0.00 ? 55 ARG A HH21 1 
ATOM 513 H HH22 . ARG A 1 55 ? -13.098 -5.126  2.977   1.00 0.00 ? 55 ARG A HH22 1 
ATOM 514 N N    . ARG A 1 56 ? -7.511  -0.121  3.434   1.00 0.00 ? 56 ARG A N    1 
ATOM 515 C CA   . ARG A 1 56 ? -6.470  0.903   3.297   1.00 0.00 ? 56 ARG A CA   1 
ATOM 516 C C    . ARG A 1 56 ? -5.085  0.342   2.985   1.00 0.00 ? 56 ARG A C    1 
ATOM 517 O O    . ARG A 1 56 ? -4.075  0.665   3.598   1.00 0.00 ? 56 ARG A O    1 
ATOM 518 C CB   . ARG A 1 56 ? -6.402  1.770   4.557   1.00 0.00 ? 56 ARG A CB   1 
ATOM 519 C CG   . ARG A 1 56 ? -7.539  2.785   4.729   1.00 0.00 ? 56 ARG A CG   1 
ATOM 520 C CD   . ARG A 1 56 ? -8.847  2.184   5.225   1.00 0.00 ? 56 ARG A CD   1 
ATOM 521 N NE   . ARG A 1 56 ? -9.780  3.294   5.514   1.00 0.00 ? 56 ARG A NE   1 
ATOM 522 C CZ   . ARG A 1 56 ? -10.002 3.814   6.724   1.00 0.00 ? 56 ARG A CZ   1 
ATOM 523 N NH1  . ARG A 1 56 ? -9.459  3.311   7.836   1.00 0.00 ? 56 ARG A NH1  1 
ATOM 524 N NH2  . ARG A 1 56 ? -10.516 5.050   6.813   1.00 0.00 ? 56 ARG A NH2  1 
ATOM 525 H H    . ARG A 1 56 ? -7.724  -0.376  4.376   1.00 0.00 ? 56 ARG A H    1 
ATOM 526 H HE   . ARG A 1 56 ? -10.320 3.616   4.746   1.00 0.00 ? 56 ARG A HE   1 
ATOM 527 H HH11 . ARG A 1 56 ? -8.834  2.539   7.782   1.00 0.00 ? 56 ARG A HH11 1 
ATOM 528 H HH12 . ARG A 1 56 ? -9.653  3.727   8.735   1.00 0.00 ? 56 ARG A HH12 1 
ATOM 529 H HH21 . ARG A 1 56 ? -10.635 5.616   5.996   1.00 0.00 ? 56 ARG A HH21 1 
ATOM 530 H HH22 . ARG A 1 56 ? -10.712 5.434   7.712   1.00 0.00 ? 56 ARG A HH22 1 
ATOM 531 N N    . LEU A 1 57 ? -5.100  -0.703  2.164   1.00 0.00 ? 57 LEU A N    1 
ATOM 532 C CA   . LEU A 1 57 ? -3.889  -1.175  1.460   1.00 0.00 ? 57 LEU A CA   1 
ATOM 533 C C    . LEU A 1 57 ? -4.015  -1.101  -0.055  1.00 0.00 ? 57 LEU A C    1 
ATOM 534 O O    . LEU A 1 57 ? -3.265  -0.331  -0.663  1.00 0.00 ? 57 LEU A O    1 
ATOM 535 C CB   . LEU A 1 57 ? -3.530  -2.576  1.967   1.00 0.00 ? 57 LEU A CB   1 
ATOM 536 C CG   . LEU A 1 57 ? -2.537  -2.426  3.114   1.00 0.00 ? 57 LEU A CG   1 
ATOM 537 C CD1  . LEU A 1 57 ? -2.594  -3.656  4.025   1.00 0.00 ? 57 LEU A CD1  1 
ATOM 538 C CD2  . LEU A 1 57 ? -1.117  -2.164  2.615   1.00 0.00 ? 57 LEU A CD2  1 
ATOM 539 H H    . LEU A 1 57 ? -5.897  -1.299  2.102   1.00 0.00 ? 57 LEU A H    1 
ATOM 540 N N    . GLU A 1 58 ? -5.106  -1.636  -0.599  1.00 0.00 ? 58 GLU A N    1 
ATOM 541 C CA   . GLU A 1 58 ? -5.198  -2.037  -2.016  1.00 0.00 ? 58 GLU A CA   1 
ATOM 542 C C    . GLU A 1 58 ? -4.486  -1.224  -3.094  1.00 0.00 ? 58 GLU A C    1 
ATOM 543 O O    . GLU A 1 58 ? -3.566  -1.801  -3.680  1.00 0.00 ? 58 GLU A O    1 
ATOM 544 C CB   . GLU A 1 58 ? -6.617  -2.492  -2.376  1.00 0.00 ? 58 GLU A CB   1 
ATOM 545 C CG   . GLU A 1 58 ? -6.790  -3.999  -2.140  1.00 0.00 ? 58 GLU A CG   1 
ATOM 546 C CD   . GLU A 1 58 ? -6.034  -4.905  -3.119  1.00 0.00 ? 58 GLU A CD   1 
ATOM 547 O OE1  . GLU A 1 58 ? -6.601  -5.143  -4.202  1.00 0.00 ? 58 GLU A OE1  1 
ATOM 548 O OE2  . GLU A 1 58 ? -4.945  -5.374  -2.737  1.00 0.00 ? 58 GLU A OE2  1 
ATOM 549 H H    . GLU A 1 58 ? -5.936  -1.785  -0.071  1.00 0.00 ? 58 GLU A H    1 
ATOM 550 N N    . MET A 1 59 ? -4.615  0.103   -3.162  1.00 0.00 ? 59 MET A N    1 
ATOM 551 C CA   . MET A 1 59 ? -3.804  1.002   -3.988  1.00 0.00 ? 59 MET A CA   1 
ATOM 552 C C    . MET A 1 59 ? -2.300  0.735   -4.045  1.00 0.00 ? 59 MET A C    1 
ATOM 553 O O    . MET A 1 59 ? -1.631  1.063   -5.032  1.00 0.00 ? 59 MET A O    1 
ATOM 554 C CB   . MET A 1 59 ? -4.019  2.365   -3.326  1.00 0.00 ? 59 MET A CB   1 
ATOM 555 C CG   . MET A 1 59 ? -4.542  3.407   -4.315  1.00 0.00 ? 59 MET A CG   1 
ATOM 556 S SD   . MET A 1 59 ? -6.305  3.261   -4.768  1.00 0.00 ? 59 MET A SD   1 
ATOM 557 C CE   . MET A 1 59 ? -6.450  4.683   -5.833  1.00 0.00 ? 59 MET A CE   1 
ATOM 558 H H    . MET A 1 59 ? -5.285  0.626   -2.627  1.00 0.00 ? 59 MET A H    1 
ATOM 559 N N    . TYR A 1 60 ? -1.765  0.351   -2.888  1.00 0.00 ? 60 TYR A N    1 
ATOM 560 C CA   . TYR A 1 60 ? -0.373  0.018   -2.556  1.00 0.00 ? 60 TYR A CA   1 
ATOM 561 C C    . TYR A 1 60 ? -0.263  -1.300  -1.798  1.00 0.00 ? 60 TYR A C    1 
ATOM 562 O O    . TYR A 1 60 ? 0.847   -1.678  -1.414  1.00 0.00 ? 60 TYR A O    1 
ATOM 563 C CB   . TYR A 1 60 ? 0.228   1.146   -1.706  1.00 0.00 ? 60 TYR A CB   1 
ATOM 564 C CG   . TYR A 1 60 ? -0.607  1.570   -0.489  1.00 0.00 ? 60 TYR A CG   1 
ATOM 565 C CD1  . TYR A 1 60 ? -1.650  2.452   -0.745  1.00 0.00 ? 60 TYR A CD1  1 
ATOM 566 C CD2  . TYR A 1 60 ? -0.355  1.080   0.780   1.00 0.00 ? 60 TYR A CD2  1 
ATOM 567 C CE1  . TYR A 1 60 ? -2.482  2.848   0.296   1.00 0.00 ? 60 TYR A CE1  1 
ATOM 568 C CE2  . TYR A 1 60 ? -1.165  1.487   1.837   1.00 0.00 ? 60 TYR A CE2  1 
ATOM 569 C CZ   . TYR A 1 60 ? -2.214  2.364   1.571   1.00 0.00 ? 60 TYR A CZ   1 
ATOM 570 O OH   . TYR A 1 60 ? -2.912  2.999   2.546   1.00 0.00 ? 60 TYR A OH   1 
ATOM 571 H H    . TYR A 1 60 ? -2.356  0.202   -2.082  1.00 0.00 ? 60 TYR A H    1 
ATOM 572 H HH   . TYR A 1 60 ? -2.663  2.594   3.430   1.00 0.00 ? 60 TYR A HH   1 
ATOM 573 N N    . CYS A 1 61 ? -1.328  -2.092  -1.858  1.00 0.00 ? 61 CYS A N    1 
ATOM 574 C CA   . CYS A 1 61 ? -1.298  -3.430  -1.260  1.00 0.00 ? 61 CYS A CA   1 
ATOM 575 C C    . CYS A 1 61 ? -0.815  -4.067  -2.568  1.00 0.00 ? 61 CYS A C    1 
ATOM 576 O O    . CYS A 1 61 ? 0.358   -4.390  -2.723  1.00 0.00 ? 61 CYS A O    1 
ATOM 577 C CB   . CYS A 1 61 ? -2.532  -4.274  -0.928  1.00 0.00 ? 61 CYS A CB   1 
ATOM 578 S SG   . CYS A 1 61 ? -1.956  -5.672  0.098   1.00 0.00 ? 61 CYS A SG   1 
ATOM 579 H H    . CYS A 1 61 ? -1.800  -2.078  -2.739  1.00 0.00 ? 61 CYS A H    1 
ATOM 580 N N    . ALA A 1 62 ? -1.723  -4.384  -3.503  1.00 0.00 ? 62 ALA A N    1 
ATOM 581 C CA   . ALA A 1 62 ? -1.719  -4.008  -4.915  1.00 0.00 ? 62 ALA A CA   1 
ATOM 582 C C    . ALA A 1 62 ? -3.122  -3.788  -5.490  1.00 0.00 ? 62 ALA A C    1 
ATOM 583 O O    . ALA A 1 62 ? -3.999  -4.608  -5.202  1.00 0.00 ? 62 ALA A O    1 
ATOM 584 C CB   . ALA A 1 62 ? -1.084  -5.091  -5.798  1.00 0.00 ? 62 ALA A CB   1 
ATOM 585 H H    . ALA A 1 62 ? -2.353  -5.126  -3.268  1.00 0.00 ? 62 ALA A H    1 
ATOM 586 N N    . PRO A 1 63 ? -3.358  -2.813  -6.358  1.00 0.00 ? 63 PRO A N    1 
ATOM 587 C CA   . PRO A 1 63 ? -4.719  -2.376  -6.713  1.00 0.00 ? 63 PRO A CA   1 
ATOM 588 C C    . PRO A 1 63 ? -5.504  -3.207  -7.722  1.00 0.00 ? 63 PRO A C    1 
ATOM 589 O O    . PRO A 1 63 ? -6.532  -2.763  -8.227  1.00 0.00 ? 63 PRO A O    1 
ATOM 590 C CB   . PRO A 1 63 ? -4.527  -0.943  -7.205  1.00 0.00 ? 63 PRO A CB   1 
ATOM 591 C CG   . PRO A 1 63 ? -3.148  -0.971  -7.856  1.00 0.00 ? 63 PRO A CG   1 
ATOM 592 C CD   . PRO A 1 63 ? -2.357  -1.912  -6.948  1.00 0.00 ? 63 PRO A CD   1 
ATOM 593 N N    . LEU A 1 64 ? -5.184  -4.500  -7.806  1.00 0.00 ? 64 LEU A N    1 
ATOM 594 C CA   . LEU A 1 64 ? -5.464  -5.337  -8.974  1.00 0.00 ? 64 LEU A CA   1 
ATOM 595 C C    . LEU A 1 64 ? -6.927  -5.466  -9.427  1.00 0.00 ? 64 LEU A C    1 
ATOM 596 O O    . LEU A 1 64 ? -7.164  -5.532  -10.635 1.00 0.00 ? 64 LEU A O    1 
ATOM 597 C CB   . LEU A 1 64 ? -4.841  -6.729  -8.835  1.00 0.00 ? 64 LEU A CB   1 
ATOM 598 C CG   . LEU A 1 64 ? -3.362  -6.714  -9.228  1.00 0.00 ? 64 LEU A CG   1 
ATOM 599 C CD1  . LEU A 1 64 ? -2.716  -8.035  -8.823  1.00 0.00 ? 64 LEU A CD1  1 
ATOM 600 C CD2  . LEU A 1 64 ? -3.173  -6.472  -10.724 1.00 0.00 ? 64 LEU A CD2  1 
ATOM 601 H H    . LEU A 1 64 ? -4.789  -4.981  -7.019  1.00 0.00 ? 64 LEU A H    1 
ATOM 602 N N    . LYS A 1 65 ? -7.841  -5.673  -8.487  1.00 0.00 ? 65 LYS A N    1 
ATOM 603 C CA   . LYS A 1 65 ? -9.276  -5.537  -8.804  1.00 0.00 ? 65 LYS A CA   1 
ATOM 604 C C    . LYS A 1 65 ? -9.976  -4.299  -8.227  1.00 0.00 ? 65 LYS A C    1 
ATOM 605 O O    . LYS A 1 65 ? -10.804 -3.706  -8.925  1.00 0.00 ? 65 LYS A O    1 
ATOM 606 C CB   . LYS A 1 65 ? -10.050 -6.842  -8.602  1.00 0.00 ? 65 LYS A CB   1 
ATOM 607 C CG   . LYS A 1 65 ? -9.493  -8.038  -9.387  1.00 0.00 ? 65 LYS A CG   1 
ATOM 608 C CD   . LYS A 1 65 ? -9.575  -7.857  -10.906 1.00 0.00 ? 65 LYS A CD   1 
ATOM 609 C CE   . LYS A 1 65 ? -8.716  -8.865  -11.655 1.00 0.00 ? 65 LYS A CE   1 
ATOM 610 N NZ   . LYS A 1 65 ? -7.294  -8.657  -11.331 1.00 0.00 ? 65 LYS A NZ   1 
ATOM 611 H H    . LYS A 1 65 ? -7.635  -6.097  -7.610  1.00 0.00 ? 65 LYS A H    1 
ATOM 612 H HZ1  . LYS A 1 65 ? -6.725  -9.114  -12.013 1.00 0.00 ? 65 LYS A HZ1  1 
ATOM 613 H HZ2  . LYS A 1 65 ? -7.108  -7.670  -11.363 1.00 0.00 ? 65 LYS A HZ2  1 
ATOM 614 N N    . PRO A 1 66 ? -9.701  -3.931  -6.984  1.00 0.00 ? 66 PRO A N    1 
ATOM 615 C CA   . PRO A 1 66 ? -10.117 -2.632  -6.440  1.00 0.00 ? 66 PRO A CA   1 
ATOM 616 C C    . PRO A 1 66 ? -8.981  -1.613  -6.300  1.00 0.00 ? 66 PRO A C    1 
ATOM 617 O O    . PRO A 1 66 ? -7.978  -1.818  -5.625  1.00 0.00 ? 66 PRO A O    1 
ATOM 618 C CB   . PRO A 1 66 ? -10.708 -2.979  -5.071  1.00 0.00 ? 66 PRO A CB   1 
ATOM 619 C CG   . PRO A 1 66 ? -9.833  -4.134  -4.594  1.00 0.00 ? 66 PRO A CG   1 
ATOM 620 C CD   . PRO A 1 66 ? -9.504  -4.885  -5.884  1.00 0.00 ? 66 PRO A CD   1 
ATOM 621 N N    . ALA A 1 67 ? -9.277  -0.426  -6.827  1.00 0.00 ? 67 ALA A N    1 
ATOM 622 C CA   . ALA A 1 67 ? -8.494  0.791   -6.560  1.00 0.00 ? 67 ALA A CA   1 
ATOM 623 C C    . ALA A 1 67 ? -8.944  1.403   -5.234  1.00 0.00 ? 67 ALA A C    1 
ATOM 624 O O    . ALA A 1 67 ? -9.827  2.251   -5.164  1.00 0.00 ? 67 ALA A O    1 
ATOM 625 C CB   . ALA A 1 67 ? -8.633  1.761   -7.739  1.00 0.00 ? 67 ALA A CB   1 
ATOM 626 H H    . ALA A 1 67 ? -10.055 -0.315  -7.455  1.00 0.00 ? 67 ALA A H    1 
ATOM 627 N N    . LYS A 1 68 ? -8.374  0.841   -4.164  1.00 0.00 ? 68 LYS A N    1 
ATOM 628 C CA   . LYS A 1 68 ? -8.912  1.029   -2.806  1.00 0.00 ? 68 LYS A CA   1 
ATOM 629 C C    . LYS A 1 68 ? -7.855  1.486   -1.788  1.00 0.00 ? 68 LYS A C    1 
ATOM 630 O O    . LYS A 1 68 ? -6.816  0.845   -1.626  1.00 0.00 ? 68 LYS A O    1 
ATOM 631 C CB   . LYS A 1 68 ? -9.568  -0.293  -2.421  1.00 0.00 ? 68 LYS A CB   1 
ATOM 632 C CG   . LYS A 1 68 ? -10.658 -0.190  -1.351  1.00 0.00 ? 68 LYS A CG   1 
ATOM 633 C CD   . LYS A 1 68 ? -11.533 -1.450  -1.331  1.00 0.00 ? 68 LYS A CD   1 
ATOM 634 C CE   . LYS A 1 68 ? -10.979 -2.630  -0.533  1.00 0.00 ? 68 LYS A CE   1 
ATOM 635 N NZ   . LYS A 1 68 ? -9.727  -3.163  -1.090  1.00 0.00 ? 68 LYS A NZ   1 
ATOM 636 H H    . LYS A 1 68 ? -7.674  0.135   -4.260  1.00 0.00 ? 68 LYS A H    1 
ATOM 637 H HZ1  . LYS A 1 68 ? -9.304  -3.762  -0.409  1.00 0.00 ? 68 LYS A HZ1  1 
ATOM 638 H HZ2  . LYS A 1 68 ? -9.908  -3.678  -1.928  1.00 0.00 ? 68 LYS A HZ2  1 
ATOM 639 N N    . SER A 1 69 ? -8.014  2.732   -1.374  1.00 0.00 ? 69 SER A N    1 
ATOM 640 C CA   . SER A 1 69 ? -7.342  3.327   -0.212  1.00 0.00 ? 69 SER A CA   1 
ATOM 641 C C    . SER A 1 69 ? -8.183  4.474   0.361   1.00 0.00 ? 69 SER A C    1 
ATOM 642 O O    . SER A 1 69 ? -8.976  5.081   -0.340  1.00 0.00 ? 69 SER A O    1 
ATOM 643 C CB   . SER A 1 69 ? -5.963  3.895   -0.578  1.00 0.00 ? 69 SER A CB   1 
ATOM 644 O OG   . SER A 1 69 ? -6.065  4.828   -1.658  1.00 0.00 ? 69 SER A OG   1 
ATOM 645 H H    . SER A 1 69 ? -8.582  3.385   -1.880  1.00 0.00 ? 69 SER A H    1 
ATOM 646 H HG   . SER A 1 69 ? -5.199  5.331   -1.753  1.00 0.00 ? 69 SER A HG   1 
ATOM 647 N N    . ALA A 1 70 ? -8.043  4.676   1.676   1.00 0.00 ? 70 ALA A N    1 
ATOM 648 C CA   . ALA A 1 70 ? -8.824  5.665   2.419   1.00 0.00 ? 70 ALA A CA   1 
ATOM 649 C C    . ALA A 1 70 ? -8.148  6.197   3.688   1.00 0.00 ? 70 ALA A C    1 
ATOM 650 O O    . ALA A 1 70 ? -8.818  6.898   4.476   1.00 0.00 ? 70 ALA A O    1 
ATOM 651 C CB   . ALA A 1 70 ? -10.210 5.090   2.737   1.00 0.00 ? 70 ALA A CB   1 
ATOM 652 O OXT  . ALA A 1 70 ? -6.932  5.931   3.832   1.00 0.00 ? 70 ALA A OXT  1 
ATOM 653 H H    . ALA A 1 70 ? -7.330  4.204   2.198   1.00 0.00 ? 70 ALA A H    1 
# 
